data_8YFH
#
_entry.id   8YFH
#
_cell.length_a   69.534
_cell.length_b   114.514
_cell.length_c   109.111
_cell.angle_alpha   90.000
_cell.angle_beta   104.236
_cell.angle_gamma   90.000
#
_symmetry.space_group_name_H-M   'P 1 21 1'
#
loop_
_entity.id
_entity.type
_entity.pdbx_description
1 polymer 'Glucan endo-1,3-alpha-glucosidase agn1'
2 water water
#
_entity_poly.entity_id   1
_entity_poly.type   'polypeptide(L)'
_entity_poly.pdbx_seq_one_letter_code
;MVVAHFIVGNTYPYTVSNWEEDIQDAIAVGIDGFALNMGSDAWQVERIEDAYDAAASVSSDFKLFISFDMSIISADADFI
EGVVRRFADKPNQLYYDGKVFVSTFAGETDTFGYSDVSTGWDSAVKEPLASAGYPIYFVPSWTSLGQGALEESVADGFLS
WNAWPTTDADMNDNDDIGYQNLANSLGKLYVAPVSPWFYTHLSYKNWAYKSDWLIIDRWNEMLSVQPDMIEVLTWNDYGE
SHYIGNIQGALPAGSEGYVDGFDHTAWRYLMSPYISAYKLGLSEPYINFESLFYWYRPTPKSATATADSLSYPSGGDYME
DEIFVLVYLLQSAEVTVTCGSTTQTFSGVPGVNQFTIPMETNASPSFTVARQGGTLASGTGPEIVDSLSIYNFNAYTGVL
YF
;
_entity_poly.pdbx_strand_id   A,B,C
#
# COMPACT_ATOMS: atom_id res chain seq x y z
N MET A 1 -8.22 -32.47 2.50
CA MET A 1 -8.33 -31.04 2.77
C MET A 1 -7.01 -30.32 2.46
N VAL A 2 -7.11 -29.09 1.95
CA VAL A 2 -5.97 -28.22 1.69
C VAL A 2 -6.19 -26.92 2.46
N VAL A 3 -5.29 -26.61 3.38
CA VAL A 3 -5.36 -25.36 4.12
C VAL A 3 -4.09 -24.57 3.84
N ALA A 4 -4.12 -23.29 4.20
CA ALA A 4 -2.94 -22.44 4.06
C ALA A 4 -2.51 -21.92 5.43
N HIS A 5 -1.20 -21.88 5.64
CA HIS A 5 -0.60 -21.35 6.85
C HIS A 5 -0.67 -19.83 6.82
N PHE A 6 -1.27 -19.24 7.87
CA PHE A 6 -1.58 -17.81 7.90
C PHE A 6 -0.83 -17.16 9.06
N ILE A 7 -0.05 -16.13 8.75
CA ILE A 7 0.76 -15.43 9.77
C ILE A 7 -0.14 -14.39 10.44
N VAL A 8 -0.67 -14.70 11.63
CA VAL A 8 -1.51 -13.73 12.31
C VAL A 8 -0.68 -12.51 12.76
N GLY A 9 0.63 -12.70 12.93
CA GLY A 9 1.50 -11.58 13.30
C GLY A 9 1.54 -10.44 12.30
N ASN A 10 1.04 -10.63 11.08
CA ASN A 10 1.00 -9.57 10.08
C ASN A 10 -0.34 -8.85 10.01
N THR A 11 -1.22 -9.06 10.99
CA THR A 11 -2.59 -8.54 10.89
C THR A 11 -2.90 -7.41 11.87
N TYR A 12 -1.89 -6.75 12.44
CA TYR A 12 -2.22 -5.65 13.34
C TYR A 12 -3.23 -4.67 12.73
N PRO A 13 -3.15 -4.25 11.46
CA PRO A 13 -4.15 -3.33 10.92
C PRO A 13 -5.42 -3.97 10.40
N TYR A 14 -5.57 -5.29 10.49
CA TYR A 14 -6.71 -5.95 9.87
C TYR A 14 -8.03 -5.53 10.50
N THR A 15 -9.03 -5.32 9.65
CA THR A 15 -10.42 -5.34 10.06
C THR A 15 -11.05 -6.62 9.51
N VAL A 16 -12.32 -6.86 9.88
CA VAL A 16 -13.02 -8.04 9.38
C VAL A 16 -13.01 -8.08 7.85
N SER A 17 -13.08 -6.92 7.21
CA SER A 17 -13.14 -6.92 5.75
C SER A 17 -11.84 -7.40 5.12
N ASN A 18 -10.70 -7.16 5.78
CA ASN A 18 -9.43 -7.72 5.32
C ASN A 18 -9.47 -9.25 5.40
N TRP A 19 -9.95 -9.78 6.52
CA TRP A 19 -10.10 -11.23 6.66
C TRP A 19 -11.02 -11.79 5.59
N GLU A 20 -12.16 -11.13 5.35
CA GLU A 20 -13.11 -11.62 4.35
C GLU A 20 -12.46 -11.72 2.99
N GLU A 21 -11.63 -10.74 2.62
CA GLU A 21 -10.96 -10.79 1.32
C GLU A 21 -10.01 -11.99 1.22
N ASP A 22 -9.20 -12.24 2.26
CA ASP A 22 -8.30 -13.41 2.24
C ASP A 22 -9.09 -14.70 2.11
N ILE A 23 -10.18 -14.83 2.87
CA ILE A 23 -10.95 -16.06 2.87
C ILE A 23 -11.61 -16.28 1.52
N GLN A 24 -12.17 -15.22 0.94
CA GLN A 24 -12.73 -15.30 -0.42
C GLN A 24 -11.66 -15.70 -1.42
N ASP A 25 -10.49 -15.07 -1.34
CA ASP A 25 -9.41 -15.39 -2.27
C ASP A 25 -8.97 -16.85 -2.15
N ALA A 26 -8.92 -17.37 -0.91
CA ALA A 26 -8.53 -18.76 -0.69
C ALA A 26 -9.57 -19.71 -1.26
N ILE A 27 -10.85 -19.46 -0.97
CA ILE A 27 -11.93 -20.30 -1.46
C ILE A 27 -11.91 -20.35 -2.99
N ALA A 28 -11.62 -19.21 -3.63
CA ALA A 28 -11.67 -19.12 -5.09
C ALA A 28 -10.71 -20.08 -5.78
N VAL A 29 -9.62 -20.48 -5.11
CA VAL A 29 -8.65 -21.38 -5.71
C VAL A 29 -8.74 -22.79 -5.16
N GLY A 30 -9.67 -23.04 -4.24
CA GLY A 30 -9.90 -24.37 -3.74
C GLY A 30 -9.33 -24.66 -2.37
N ILE A 31 -8.78 -23.65 -1.69
CA ILE A 31 -8.24 -23.82 -0.34
C ILE A 31 -9.40 -23.84 0.66
N ASP A 32 -9.36 -24.81 1.58
CA ASP A 32 -10.48 -25.14 2.46
C ASP A 32 -10.43 -24.40 3.80
N GLY A 33 -9.30 -23.82 4.16
CA GLY A 33 -9.21 -23.22 5.48
C GLY A 33 -7.85 -22.60 5.69
N PHE A 34 -7.70 -22.01 6.88
CA PHE A 34 -6.45 -21.39 7.33
C PHE A 34 -5.99 -22.01 8.64
N ALA A 35 -4.71 -22.35 8.71
CA ALA A 35 -4.04 -22.55 9.99
C ALA A 35 -3.64 -21.18 10.50
N LEU A 36 -4.26 -20.73 11.58
CA LEU A 36 -4.03 -19.37 12.09
C LEU A 36 -2.82 -19.42 13.01
N ASN A 37 -1.64 -19.07 12.47
CA ASN A 37 -0.39 -19.19 13.19
C ASN A 37 -0.18 -17.93 14.03
N MET A 38 -0.24 -18.07 15.34
CA MET A 38 -0.30 -16.92 16.23
C MET A 38 0.93 -16.85 17.14
N GLY A 39 1.33 -15.61 17.43
CA GLY A 39 2.34 -15.32 18.42
C GLY A 39 1.72 -14.95 19.75
N SER A 40 2.42 -14.11 20.52
CA SER A 40 2.04 -13.87 21.90
C SER A 40 1.37 -12.53 22.14
N ASP A 41 1.43 -11.60 21.19
CA ASP A 41 0.80 -10.29 21.34
C ASP A 41 -0.69 -10.43 21.62
N ALA A 42 -1.17 -9.70 22.64
CA ALA A 42 -2.57 -9.80 23.01
C ALA A 42 -3.51 -9.37 21.89
N TRP A 43 -3.07 -8.44 21.02
CA TRP A 43 -3.97 -8.04 19.95
C TRP A 43 -4.21 -9.16 18.94
N GLN A 44 -3.32 -10.15 18.87
CA GLN A 44 -3.53 -11.23 17.90
C GLN A 44 -4.80 -12.02 18.21
N VAL A 45 -5.11 -12.20 19.50
CA VAL A 45 -6.34 -12.93 19.85
C VAL A 45 -7.56 -12.17 19.36
N GLU A 46 -7.53 -10.83 19.45
CA GLU A 46 -8.64 -10.04 18.94
C GLU A 46 -8.76 -10.14 17.42
N ARG A 47 -7.63 -10.16 16.70
CA ARG A 47 -7.72 -10.35 15.25
C ARG A 47 -8.25 -11.72 14.89
N ILE A 48 -7.94 -12.75 15.69
CA ILE A 48 -8.42 -14.09 15.38
C ILE A 48 -9.93 -14.18 15.60
N GLU A 49 -10.43 -13.48 16.62
CA GLU A 49 -11.89 -13.33 16.77
C GLU A 49 -12.52 -12.83 15.47
N ASP A 50 -11.91 -11.81 14.86
CA ASP A 50 -12.42 -11.26 13.61
C ASP A 50 -12.31 -12.28 12.48
N ALA A 51 -11.21 -13.05 12.47
CA ALA A 51 -11.04 -14.08 11.46
C ALA A 51 -12.19 -15.09 11.48
N TYR A 52 -12.60 -15.54 12.67
CA TYR A 52 -13.70 -16.50 12.75
C TYR A 52 -15.03 -15.87 12.34
N ASP A 53 -15.26 -14.61 12.72
CA ASP A 53 -16.48 -13.93 12.29
C ASP A 53 -16.50 -13.73 10.78
N ALA A 54 -15.35 -13.38 10.20
CA ALA A 54 -15.26 -13.25 8.75
C ALA A 54 -15.54 -14.58 8.07
N ALA A 55 -15.00 -15.68 8.60
CA ALA A 55 -15.27 -16.99 8.01
C ALA A 55 -16.76 -17.29 8.03
N ALA A 56 -17.41 -17.03 9.16
CA ALA A 56 -18.85 -17.29 9.25
C ALA A 56 -19.64 -16.48 8.23
N SER A 57 -19.22 -15.23 7.99
CA SER A 57 -19.89 -14.39 6.99
C SER A 57 -19.65 -14.87 5.57
N VAL A 58 -18.47 -15.44 5.28
CA VAL A 58 -18.14 -15.83 3.91
C VAL A 58 -18.67 -17.22 3.57
N SER A 59 -18.43 -18.21 4.43
CA SER A 59 -18.79 -19.57 4.07
C SER A 59 -18.82 -20.44 5.32
N SER A 60 -19.92 -21.16 5.53
CA SER A 60 -19.99 -22.09 6.65
C SER A 60 -19.01 -23.24 6.50
N ASP A 61 -18.51 -23.48 5.28
CA ASP A 61 -17.60 -24.59 5.04
C ASP A 61 -16.13 -24.26 5.29
N PHE A 62 -15.76 -22.98 5.29
CA PHE A 62 -14.35 -22.62 5.44
C PHE A 62 -13.88 -22.90 6.87
N LYS A 63 -12.75 -23.58 7.01
CA LYS A 63 -12.28 -24.07 8.29
C LYS A 63 -11.16 -23.19 8.85
N LEU A 64 -11.14 -23.06 10.17
CA LEU A 64 -10.07 -22.33 10.86
C LEU A 64 -9.60 -23.16 12.04
N PHE A 65 -8.30 -23.11 12.33
CA PHE A 65 -7.79 -23.67 13.58
C PHE A 65 -6.56 -22.89 13.97
N ILE A 66 -6.13 -23.08 15.22
CA ILE A 66 -4.99 -22.37 15.78
C ILE A 66 -3.72 -23.18 15.56
N SER A 67 -2.67 -22.50 15.11
CA SER A 67 -1.32 -23.05 15.10
C SER A 67 -0.54 -22.20 16.09
N PHE A 68 -0.14 -22.80 17.21
CA PHE A 68 0.64 -22.05 18.22
C PHE A 68 2.08 -21.98 17.76
N ASP A 69 2.58 -20.77 17.51
CA ASP A 69 3.95 -20.64 17.04
C ASP A 69 4.85 -20.65 18.27
N MET A 70 5.34 -21.83 18.61
CA MET A 70 6.16 -22.02 19.79
C MET A 70 7.58 -21.51 19.60
N SER A 71 7.91 -20.98 18.44
CA SER A 71 9.14 -20.22 18.31
C SER A 71 8.97 -18.80 18.85
N ILE A 72 7.73 -18.38 19.09
CA ILE A 72 7.42 -17.06 19.60
C ILE A 72 6.81 -17.14 21.00
N ILE A 73 5.81 -18.01 21.18
CA ILE A 73 5.11 -18.18 22.44
C ILE A 73 5.95 -19.04 23.38
N SER A 74 5.99 -18.66 24.66
CA SER A 74 6.63 -19.49 25.67
C SER A 74 5.72 -20.65 26.06
N ALA A 75 6.30 -21.65 26.71
CA ALA A 75 5.55 -22.84 27.12
C ALA A 75 4.55 -22.53 28.22
N ASP A 76 3.51 -21.79 27.88
CA ASP A 76 2.51 -21.27 28.82
C ASP A 76 1.21 -22.05 28.62
N ALA A 77 1.03 -23.10 29.44
CA ALA A 77 -0.11 -24.00 29.28
C ALA A 77 -1.43 -23.28 29.49
N ASP A 78 -1.49 -22.33 30.44
CA ASP A 78 -2.72 -21.58 30.66
C ASP A 78 -3.10 -20.79 29.43
N PHE A 79 -2.11 -20.16 28.79
CA PHE A 79 -2.39 -19.38 27.59
C PHE A 79 -2.88 -20.27 26.45
N ILE A 80 -2.20 -21.41 26.26
CA ILE A 80 -2.55 -22.30 25.16
C ILE A 80 -3.93 -22.90 25.38
N GLU A 81 -4.18 -23.44 26.58
CA GLU A 81 -5.51 -23.99 26.86
C GLU A 81 -6.59 -22.92 26.68
N GLY A 82 -6.34 -21.71 27.16
CA GLY A 82 -7.36 -20.67 27.05
C GLY A 82 -7.66 -20.27 25.62
N VAL A 83 -6.64 -20.23 24.76
CA VAL A 83 -6.88 -19.89 23.36
C VAL A 83 -7.68 -20.99 22.68
N VAL A 84 -7.34 -22.26 22.93
CA VAL A 84 -8.07 -23.35 22.28
C VAL A 84 -9.55 -23.28 22.64
N ARG A 85 -9.85 -23.09 23.93
CA ARG A 85 -11.24 -23.03 24.38
C ARG A 85 -11.96 -21.80 23.85
N ARG A 86 -11.24 -20.68 23.71
CA ARG A 86 -11.87 -19.45 23.24
C ARG A 86 -12.49 -19.62 21.86
N PHE A 87 -11.85 -20.42 21.00
CA PHE A 87 -12.30 -20.52 19.62
C PHE A 87 -12.90 -21.88 19.28
N ALA A 88 -12.85 -22.84 20.20
CA ALA A 88 -13.28 -24.21 19.90
C ALA A 88 -14.75 -24.30 19.54
N ASP A 89 -15.58 -23.41 20.07
CA ASP A 89 -17.02 -23.48 19.83
C ASP A 89 -17.47 -22.59 18.68
N LYS A 90 -16.54 -21.91 18.02
CA LYS A 90 -16.93 -21.13 16.86
C LYS A 90 -17.41 -22.04 15.74
N PRO A 91 -18.40 -21.60 14.96
CA PRO A 91 -18.93 -22.48 13.91
C PRO A 91 -17.91 -22.94 12.88
N ASN A 92 -16.88 -22.14 12.61
CA ASN A 92 -15.92 -22.48 11.57
C ASN A 92 -14.68 -23.18 12.10
N GLN A 93 -14.63 -23.49 13.40
CA GLN A 93 -13.51 -24.25 13.96
C GLN A 93 -13.43 -25.63 13.30
N LEU A 94 -12.21 -26.01 12.94
CA LEU A 94 -11.98 -27.32 12.34
C LEU A 94 -11.95 -28.40 13.41
N TYR A 95 -12.73 -29.46 13.20
CA TYR A 95 -12.70 -30.65 14.05
C TYR A 95 -12.21 -31.83 13.22
N TYR A 96 -11.65 -32.82 13.90
CA TYR A 96 -11.24 -34.07 13.28
C TYR A 96 -11.59 -35.20 14.23
N ASP A 97 -12.36 -36.19 13.77
CA ASP A 97 -12.65 -37.35 14.64
C ASP A 97 -13.42 -36.86 15.88
N GLY A 98 -14.16 -35.77 15.73
CA GLY A 98 -14.90 -35.17 16.82
C GLY A 98 -14.08 -34.35 17.79
N LYS A 99 -12.82 -34.10 17.50
CA LYS A 99 -11.91 -33.42 18.41
C LYS A 99 -11.41 -32.12 17.79
N VAL A 100 -11.07 -31.16 18.65
CA VAL A 100 -10.62 -29.85 18.18
C VAL A 100 -9.25 -29.99 17.53
N PHE A 101 -9.16 -29.56 16.27
CA PHE A 101 -7.88 -29.57 15.56
C PHE A 101 -6.98 -28.47 16.11
N VAL A 102 -5.77 -28.84 16.54
CA VAL A 102 -4.79 -27.92 17.11
C VAL A 102 -3.43 -28.25 16.53
N SER A 103 -2.69 -27.23 16.07
CA SER A 103 -1.40 -27.43 15.43
C SER A 103 -0.37 -26.52 16.08
N THR A 104 0.87 -26.61 15.63
CA THR A 104 1.94 -25.72 16.12
C THR A 104 2.89 -25.40 14.97
N PHE A 105 3.72 -24.39 15.20
CA PHE A 105 5.06 -24.39 14.63
C PHE A 105 6.01 -24.60 15.79
N ALA A 106 6.78 -25.70 15.72
CA ALA A 106 7.77 -26.06 16.72
C ALA A 106 7.14 -26.43 18.05
N GLY A 107 7.91 -26.35 19.14
CA GLY A 107 7.45 -26.83 20.43
C GLY A 107 7.97 -28.20 20.82
N GLU A 108 8.81 -28.82 20.00
CA GLU A 108 9.26 -30.18 20.31
C GLU A 108 10.25 -30.24 21.46
N THR A 109 10.76 -29.10 21.94
CA THR A 109 11.63 -29.06 23.11
C THR A 109 10.93 -28.51 24.34
N ASP A 110 9.64 -28.22 24.26
CA ASP A 110 8.91 -27.68 25.41
C ASP A 110 8.30 -28.82 26.22
N THR A 111 8.60 -28.87 27.51
CA THR A 111 8.10 -29.92 28.38
C THR A 111 7.20 -29.40 29.48
N PHE A 112 7.03 -28.08 29.61
CA PHE A 112 6.16 -27.49 30.63
C PHE A 112 6.57 -27.94 32.03
N GLY A 113 7.86 -28.17 32.24
CA GLY A 113 8.37 -28.63 33.51
C GLY A 113 8.42 -30.13 33.69
N TYR A 114 7.77 -30.90 32.81
CA TYR A 114 7.69 -32.34 32.95
C TYR A 114 8.94 -32.99 32.37
N SER A 115 9.01 -34.32 32.51
CA SER A 115 10.25 -35.03 32.19
C SER A 115 10.54 -35.09 30.69
N ASP A 116 9.51 -35.03 29.85
CA ASP A 116 9.72 -35.13 28.41
C ASP A 116 8.58 -34.42 27.69
N VAL A 117 8.72 -34.32 26.36
CA VAL A 117 7.84 -33.42 25.59
C VAL A 117 6.41 -33.97 25.54
N SER A 118 6.24 -35.28 25.39
CA SER A 118 4.89 -35.82 25.33
C SER A 118 4.22 -35.78 26.70
N THR A 119 4.94 -36.14 27.76
CA THR A 119 4.35 -36.00 29.09
C THR A 119 3.95 -34.56 29.36
N GLY A 120 4.80 -33.62 28.96
CA GLY A 120 4.53 -32.22 29.21
C GLY A 120 3.34 -31.70 28.42
N TRP A 121 3.33 -31.92 27.09
CA TRP A 121 2.20 -31.44 26.31
C TRP A 121 0.91 -32.13 26.74
N ASP A 122 0.99 -33.42 27.09
CA ASP A 122 -0.22 -34.13 27.47
C ASP A 122 -0.75 -33.64 28.82
N SER A 123 0.13 -33.53 29.81
CA SER A 123 -0.30 -33.19 31.17
C SER A 123 -0.68 -31.73 31.30
N ALA A 124 0.00 -30.83 30.58
CA ALA A 124 -0.24 -29.41 30.71
C ALA A 124 -1.27 -28.86 29.73
N VAL A 125 -1.45 -29.50 28.57
CA VAL A 125 -2.34 -28.95 27.55
C VAL A 125 -3.44 -29.93 27.19
N LYS A 126 -3.07 -31.14 26.77
CA LYS A 126 -4.04 -32.07 26.19
C LYS A 126 -5.07 -32.54 27.22
N GLU A 127 -4.62 -33.01 28.37
CA GLU A 127 -5.58 -33.58 29.31
C GLU A 127 -6.43 -32.52 29.98
N PRO A 128 -5.89 -31.35 30.35
CA PRO A 128 -6.77 -30.27 30.82
C PRO A 128 -7.87 -29.92 29.84
N LEU A 129 -7.56 -29.86 28.55
CA LEU A 129 -8.58 -29.58 27.55
C LEU A 129 -9.60 -30.71 27.49
N ALA A 130 -9.13 -31.96 27.51
CA ALA A 130 -10.04 -33.10 27.48
C ALA A 130 -10.97 -33.07 28.69
N SER A 131 -10.42 -32.83 29.88
CA SER A 131 -11.23 -32.83 31.09
C SER A 131 -12.31 -31.77 31.05
N ALA A 132 -12.05 -30.65 30.40
CA ALA A 132 -13.03 -29.57 30.30
C ALA A 132 -14.04 -29.81 29.20
N GLY A 133 -14.00 -30.97 28.52
CA GLY A 133 -14.91 -31.26 27.44
C GLY A 133 -14.44 -30.85 26.06
N TYR A 134 -13.16 -30.51 25.90
CA TYR A 134 -12.60 -30.11 24.61
C TYR A 134 -11.39 -30.96 24.24
N PRO A 135 -11.57 -32.27 24.05
CA PRO A 135 -10.44 -33.08 23.60
C PRO A 135 -9.95 -32.59 22.25
N ILE A 136 -8.63 -32.61 22.05
CA ILE A 136 -8.05 -32.03 20.85
C ILE A 136 -7.42 -33.11 20.01
N TYR A 137 -7.32 -32.82 18.71
CA TYR A 137 -6.57 -33.62 17.75
C TYR A 137 -5.29 -32.85 17.48
N PHE A 138 -4.19 -33.28 18.09
CA PHE A 138 -2.97 -32.50 18.20
C PHE A 138 -2.01 -32.85 17.06
N VAL A 139 -1.72 -31.88 16.20
CA VAL A 139 -0.96 -32.09 14.97
C VAL A 139 0.16 -31.07 14.93
N PRO A 140 1.19 -31.25 15.75
CA PRO A 140 2.30 -30.28 15.79
C PRO A 140 3.21 -30.41 14.58
N SER A 141 3.95 -29.33 14.34
CA SER A 141 5.01 -29.34 13.33
C SER A 141 6.33 -29.42 14.09
N TRP A 142 6.84 -30.64 14.20
CA TRP A 142 8.02 -30.97 14.99
C TRP A 142 9.09 -31.60 14.10
N THR A 143 9.44 -30.92 13.00
CA THR A 143 10.23 -31.58 11.97
C THR A 143 11.64 -31.90 12.45
N SER A 144 12.15 -31.17 13.44
CA SER A 144 13.49 -31.46 13.94
C SER A 144 13.61 -32.88 14.50
N LEU A 145 12.49 -33.49 14.89
CA LEU A 145 12.51 -34.86 15.39
C LEU A 145 12.52 -35.89 14.28
N GLY A 146 12.35 -35.47 13.02
CA GLY A 146 12.27 -36.42 11.91
C GLY A 146 11.10 -37.38 12.09
N GLN A 147 11.35 -38.65 11.76
CA GLN A 147 10.32 -39.67 11.98
C GLN A 147 10.00 -39.86 13.47
N GLY A 148 10.83 -39.31 14.37
CA GLY A 148 10.49 -39.35 15.79
C GLY A 148 9.28 -38.52 16.14
N ALA A 149 8.90 -37.55 15.30
CA ALA A 149 7.75 -36.70 15.64
C ALA A 149 6.48 -37.52 15.68
N LEU A 150 6.26 -38.37 14.68
CA LEU A 150 5.07 -39.20 14.69
C LEU A 150 5.11 -40.24 15.81
N GLU A 151 6.29 -40.59 16.30
CA GLU A 151 6.36 -41.57 17.38
C GLU A 151 6.01 -40.98 18.75
N GLU A 152 5.96 -39.65 18.87
CA GLU A 152 5.61 -39.06 20.16
C GLU A 152 4.17 -39.40 20.51
N SER A 153 3.96 -39.95 21.71
CA SER A 153 2.64 -40.45 22.07
C SER A 153 1.60 -39.34 22.12
N VAL A 154 2.02 -38.10 22.42
CA VAL A 154 1.09 -36.99 22.53
C VAL A 154 0.61 -36.51 21.16
N ALA A 155 1.33 -36.83 20.09
CA ALA A 155 0.96 -36.36 18.76
C ALA A 155 -0.07 -37.29 18.14
N ASP A 156 -1.17 -36.71 17.63
CA ASP A 156 -2.12 -37.45 16.82
C ASP A 156 -1.80 -37.34 15.33
N GLY A 157 -0.95 -36.40 14.96
CA GLY A 157 -0.52 -36.24 13.58
C GLY A 157 0.75 -35.42 13.57
N PHE A 158 1.25 -35.17 12.36
CA PHE A 158 2.52 -34.47 12.18
C PHE A 158 2.44 -33.63 10.93
N LEU A 159 2.74 -32.33 11.07
CA LEU A 159 2.89 -31.41 9.94
C LEU A 159 4.38 -31.21 9.68
N SER A 160 4.86 -31.66 8.52
CA SER A 160 6.25 -31.44 8.16
C SER A 160 6.46 -30.01 7.67
N TRP A 161 7.63 -29.44 7.98
CA TRP A 161 8.03 -28.15 7.43
C TRP A 161 9.07 -28.31 6.32
N ASN A 162 9.29 -29.53 5.81
CA ASN A 162 10.36 -29.76 4.84
C ASN A 162 9.77 -29.55 3.44
N ALA A 163 9.63 -28.28 3.05
CA ALA A 163 8.95 -27.93 1.81
C ALA A 163 9.87 -27.50 0.68
N TRP A 164 11.15 -27.31 0.95
CA TRP A 164 12.05 -26.71 -0.03
C TRP A 164 13.32 -27.53 -0.20
N PRO A 165 13.88 -27.57 -1.40
CA PRO A 165 15.24 -28.08 -1.55
C PRO A 165 16.21 -27.19 -0.78
N THR A 166 17.06 -27.81 0.02
CA THR A 166 18.03 -27.05 0.79
C THR A 166 19.40 -27.01 0.13
N THR A 167 19.55 -27.66 -1.02
CA THR A 167 20.79 -27.62 -1.79
C THR A 167 20.45 -27.16 -3.21
N ASP A 168 21.37 -27.40 -4.14
CA ASP A 168 21.15 -27.11 -5.55
C ASP A 168 20.22 -28.12 -6.23
N ALA A 169 19.73 -29.13 -5.51
CA ALA A 169 18.98 -30.19 -6.14
C ALA A 169 17.51 -29.79 -6.31
N ASP A 170 16.82 -30.52 -7.20
CA ASP A 170 15.38 -30.41 -7.27
C ASP A 170 14.76 -30.99 -6.00
N MET A 171 13.52 -30.59 -5.72
CA MET A 171 12.80 -31.16 -4.60
C MET A 171 12.62 -32.66 -4.81
N ASN A 172 12.59 -33.41 -3.72
CA ASN A 172 12.15 -34.79 -3.80
C ASN A 172 11.22 -35.08 -2.64
N ASP A 173 10.48 -36.19 -2.75
CA ASP A 173 9.43 -36.52 -1.80
C ASP A 173 9.75 -37.73 -0.93
N ASN A 174 11.03 -38.11 -0.80
CA ASN A 174 11.39 -39.26 0.04
C ASN A 174 10.87 -39.11 1.47
N ASP A 175 11.01 -37.92 2.05
CA ASP A 175 10.56 -37.71 3.42
C ASP A 175 9.04 -37.81 3.52
N ASP A 176 8.32 -37.25 2.54
CA ASP A 176 6.86 -37.33 2.56
C ASP A 176 6.37 -38.76 2.50
N ILE A 177 6.97 -39.58 1.64
CA ILE A 177 6.58 -40.98 1.56
C ILE A 177 6.87 -41.68 2.88
N GLY A 178 8.01 -41.38 3.49
CA GLY A 178 8.32 -42.00 4.77
C GLY A 178 7.37 -41.58 5.87
N TYR A 179 7.04 -40.28 5.93
CA TYR A 179 6.13 -39.80 6.96
C TYR A 179 4.72 -40.34 6.77
N GLN A 180 4.24 -40.36 5.52
CA GLN A 180 2.91 -40.92 5.29
C GLN A 180 2.87 -42.40 5.61
N ASN A 181 3.94 -43.13 5.26
CA ASN A 181 4.02 -44.55 5.63
C ASN A 181 3.92 -44.73 7.14
N LEU A 182 4.68 -43.94 7.89
CA LEU A 182 4.69 -44.06 9.34
C LEU A 182 3.35 -43.62 9.94
N ALA A 183 2.77 -42.53 9.42
CA ALA A 183 1.42 -42.16 9.84
C ALA A 183 0.45 -43.31 9.62
N ASN A 184 0.57 -43.99 8.48
CA ASN A 184 -0.34 -45.11 8.18
C ASN A 184 -0.16 -46.24 9.18
N SER A 185 1.08 -46.59 9.50
CA SER A 185 1.28 -47.72 10.39
C SER A 185 1.00 -47.38 11.84
N LEU A 186 1.07 -46.10 12.21
CA LEU A 186 0.80 -45.68 13.57
C LEU A 186 -0.65 -45.23 13.79
N GLY A 187 -1.46 -45.15 12.72
CA GLY A 187 -2.81 -44.63 12.88
C GLY A 187 -2.81 -43.15 13.22
N LYS A 188 -2.04 -42.37 12.47
CA LYS A 188 -1.94 -40.93 12.73
C LYS A 188 -2.07 -40.19 11.40
N LEU A 189 -2.18 -38.86 11.51
CA LEU A 189 -2.37 -37.98 10.35
C LEU A 189 -1.04 -37.40 9.90
N TYR A 190 -0.79 -37.40 8.58
CA TYR A 190 0.36 -36.69 8.02
C TYR A 190 -0.12 -35.50 7.19
N VAL A 191 0.40 -34.31 7.50
CA VAL A 191 0.11 -33.09 6.76
C VAL A 191 1.38 -32.71 6.02
N ALA A 192 1.30 -32.69 4.68
CA ALA A 192 2.48 -32.35 3.87
C ALA A 192 2.48 -30.86 3.52
N PRO A 193 3.64 -30.22 3.53
CA PRO A 193 3.71 -28.80 3.18
C PRO A 193 3.97 -28.58 1.69
N VAL A 194 3.39 -27.50 1.17
CA VAL A 194 3.55 -27.13 -0.23
C VAL A 194 3.87 -25.64 -0.30
N SER A 195 5.02 -25.30 -0.88
CA SER A 195 5.45 -23.92 -0.90
C SER A 195 5.99 -23.57 -2.28
N PRO A 196 5.71 -22.36 -2.79
CA PRO A 196 6.19 -22.01 -4.13
C PRO A 196 7.61 -21.46 -4.19
N TRP A 197 8.18 -21.02 -3.07
CA TRP A 197 9.34 -20.16 -3.16
C TRP A 197 9.96 -20.01 -1.77
N PHE A 198 11.22 -19.58 -1.73
CA PHE A 198 11.78 -19.15 -0.45
C PHE A 198 12.83 -18.09 -0.66
N TYR A 199 12.60 -16.91 -0.09
CA TYR A 199 13.63 -15.89 -0.02
C TYR A 199 13.41 -15.05 1.24
N THR A 200 14.40 -14.98 2.11
CA THR A 200 14.30 -14.13 3.28
C THR A 200 15.60 -13.33 3.42
N HIS A 201 15.47 -12.07 3.79
CA HIS A 201 16.62 -11.17 3.71
C HIS A 201 16.46 -10.12 4.82
N LEU A 202 16.67 -10.57 6.06
CA LEU A 202 16.45 -9.78 7.28
C LEU A 202 17.69 -9.86 8.15
N SER A 203 17.75 -9.02 9.17
CA SER A 203 18.96 -8.96 9.99
C SER A 203 19.21 -10.26 10.74
N TYR A 204 18.19 -11.11 10.90
CA TYR A 204 18.32 -12.33 11.65
C TYR A 204 18.10 -13.59 10.82
N LYS A 205 17.76 -13.48 9.54
CA LYS A 205 17.72 -14.65 8.67
C LYS A 205 17.90 -14.17 7.24
N ASN A 206 18.77 -14.84 6.48
CA ASN A 206 19.15 -14.29 5.19
C ASN A 206 19.58 -15.44 4.27
N TRP A 207 18.64 -15.94 3.47
CA TRP A 207 19.01 -16.97 2.49
C TRP A 207 17.89 -17.17 1.50
N ALA A 208 18.24 -17.83 0.38
CA ALA A 208 17.27 -18.32 -0.57
C ALA A 208 17.35 -19.84 -0.66
N TYR A 209 16.23 -20.46 -1.02
CA TYR A 209 16.23 -21.85 -1.44
C TYR A 209 15.95 -21.89 -2.93
N LYS A 210 16.53 -22.88 -3.62
CA LYS A 210 16.24 -23.07 -5.05
C LYS A 210 14.74 -23.24 -5.23
N SER A 211 14.12 -22.32 -5.97
CA SER A 211 12.68 -22.26 -6.09
C SER A 211 12.33 -22.57 -7.53
N ASP A 212 12.22 -21.57 -8.42
CA ASP A 212 12.04 -21.78 -9.84
C ASP A 212 10.78 -22.59 -10.15
N TRP A 213 10.91 -23.84 -10.59
CA TRP A 213 9.73 -24.65 -10.88
C TRP A 213 9.18 -25.38 -9.65
N LEU A 214 9.64 -25.01 -8.45
CA LEU A 214 9.29 -25.74 -7.23
C LEU A 214 7.78 -25.97 -7.08
N ILE A 215 6.96 -24.96 -7.36
CA ILE A 215 5.53 -25.13 -7.08
C ILE A 215 4.96 -26.26 -7.94
N ILE A 216 5.44 -26.43 -9.18
CA ILE A 216 4.95 -27.51 -10.03
C ILE A 216 5.55 -28.86 -9.61
N ASP A 217 6.86 -28.89 -9.36
CA ASP A 217 7.48 -30.13 -8.88
C ASP A 217 6.80 -30.61 -7.61
N ARG A 218 6.52 -29.70 -6.68
CA ARG A 218 5.93 -30.10 -5.41
C ARG A 218 4.51 -30.60 -5.58
N TRP A 219 3.70 -29.91 -6.40
CA TRP A 219 2.34 -30.39 -6.59
C TRP A 219 2.32 -31.73 -7.32
N ASN A 220 3.26 -31.96 -8.24
CA ASN A 220 3.36 -33.29 -8.86
C ASN A 220 3.67 -34.35 -7.80
N GLU A 221 4.57 -34.03 -6.87
CA GLU A 221 4.84 -34.94 -5.77
C GLU A 221 3.60 -35.21 -4.94
N MET A 222 2.79 -34.16 -4.69
CA MET A 222 1.60 -34.34 -3.86
C MET A 222 0.60 -35.27 -4.53
N LEU A 223 0.42 -35.15 -5.84
CA LEU A 223 -0.53 -36.03 -6.54
C LEU A 223 -0.07 -37.48 -6.47
N SER A 224 1.24 -37.71 -6.39
CA SER A 224 1.78 -39.06 -6.32
C SER A 224 1.77 -39.59 -4.89
N VAL A 225 2.21 -38.77 -3.94
CA VAL A 225 2.27 -39.19 -2.52
C VAL A 225 0.87 -39.42 -1.96
N GLN A 226 -0.08 -38.55 -2.34
CA GLN A 226 -1.44 -38.54 -1.81
C GLN A 226 -1.44 -38.42 -0.28
N PRO A 227 -0.83 -37.37 0.28
CA PRO A 227 -0.81 -37.23 1.74
C PRO A 227 -2.22 -37.03 2.29
N ASP A 228 -2.37 -37.32 3.59
CA ASP A 228 -3.69 -37.20 4.22
C ASP A 228 -4.25 -35.79 4.09
N MET A 229 -3.38 -34.80 4.24
CA MET A 229 -3.76 -33.40 4.30
C MET A 229 -2.60 -32.58 3.77
N ILE A 230 -2.90 -31.38 3.25
CA ILE A 230 -1.87 -30.48 2.75
C ILE A 230 -2.01 -29.12 3.42
N GLU A 231 -0.88 -28.52 3.80
CA GLU A 231 -0.85 -27.14 4.28
C GLU A 231 0.07 -26.34 3.36
N VAL A 232 -0.47 -25.30 2.75
CA VAL A 232 0.30 -24.44 1.86
C VAL A 232 1.07 -23.42 2.69
N LEU A 233 2.38 -23.35 2.47
CA LEU A 233 3.26 -22.37 3.11
C LEU A 233 3.62 -21.32 2.05
N THR A 234 3.01 -20.14 2.10
CA THR A 234 2.08 -19.65 3.12
C THR A 234 1.06 -18.74 2.46
N TRP A 235 0.03 -18.35 3.20
CA TRP A 235 -0.84 -17.30 2.68
C TRP A 235 -0.12 -15.97 2.63
N ASN A 236 0.64 -15.66 3.67
CA ASN A 236 1.07 -14.27 3.84
C ASN A 236 2.35 -14.10 4.64
N ASP A 237 3.29 -15.06 4.58
CA ASP A 237 4.60 -14.82 5.21
C ASP A 237 5.42 -13.97 4.25
N TYR A 238 5.17 -12.66 4.29
CA TYR A 238 5.88 -11.74 3.40
C TYR A 238 7.38 -11.83 3.58
N GLY A 239 7.85 -11.97 4.84
CA GLY A 239 9.27 -11.98 5.11
C GLY A 239 10.05 -13.12 4.47
N GLU A 240 9.38 -14.21 4.09
CA GLU A 240 10.05 -15.35 3.47
C GLU A 240 9.65 -15.54 2.02
N SER A 241 8.88 -14.61 1.46
CA SER A 241 8.55 -14.54 0.04
C SER A 241 7.68 -15.68 -0.47
N HIS A 242 7.16 -16.57 0.39
CA HIS A 242 6.30 -17.63 -0.15
C HIS A 242 4.80 -17.33 0.02
N TYR A 243 4.44 -16.07 0.29
CA TYR A 243 3.03 -15.69 0.34
C TYR A 243 2.37 -15.91 -1.01
N ILE A 244 1.14 -16.41 -0.99
CA ILE A 244 0.33 -16.52 -2.20
C ILE A 244 -0.93 -15.68 -2.13
N GLY A 245 -1.24 -15.09 -0.99
CA GLY A 245 -2.37 -14.19 -0.86
C GLY A 245 -2.02 -12.79 -1.35
N ASN A 246 -3.03 -11.93 -1.36
CA ASN A 246 -2.80 -10.54 -1.72
C ASN A 246 -2.06 -9.84 -0.58
N ILE A 247 -1.14 -8.96 -0.94
CA ILE A 247 -0.40 -8.23 0.08
C ILE A 247 -1.35 -7.27 0.78
N GLN A 248 -1.61 -7.51 2.06
CA GLN A 248 -2.34 -6.55 2.89
C GLN A 248 -1.87 -6.73 4.32
N GLY A 249 -2.29 -5.82 5.19
CA GLY A 249 -1.80 -5.90 6.56
C GLY A 249 -0.47 -5.21 6.71
N ALA A 250 0.43 -5.77 7.53
CA ALA A 250 1.71 -5.13 7.82
C ALA A 250 2.87 -6.01 7.38
N LEU A 251 3.85 -5.39 6.74
CA LEU A 251 5.05 -6.11 6.34
C LEU A 251 6.07 -6.10 7.47
N PRO A 252 6.77 -7.22 7.70
CA PRO A 252 7.83 -7.23 8.71
C PRO A 252 8.91 -6.22 8.35
N ALA A 253 9.42 -5.54 9.37
CA ALA A 253 10.44 -4.53 9.15
C ALA A 253 11.63 -5.14 8.42
N GLY A 254 12.06 -4.48 7.36
CA GLY A 254 13.15 -4.95 6.54
C GLY A 254 12.74 -5.71 5.31
N SER A 255 11.50 -6.20 5.26
CA SER A 255 11.04 -6.96 4.10
C SER A 255 10.42 -6.10 3.02
N GLU A 256 10.05 -4.86 3.34
CA GLU A 256 9.26 -4.07 2.39
C GLU A 256 9.97 -3.89 1.06
N GLY A 257 11.29 -3.80 1.07
CA GLY A 257 12.03 -3.59 -0.18
C GLY A 257 11.93 -4.75 -1.15
N TYR A 258 11.80 -5.98 -0.65
CA TYR A 258 11.65 -7.10 -1.57
C TYR A 258 10.24 -7.65 -1.64
N VAL A 259 9.27 -7.03 -0.96
CA VAL A 259 7.87 -7.44 -1.03
C VAL A 259 7.01 -6.43 -1.81
N ASP A 260 7.16 -5.14 -1.51
CA ASP A 260 6.33 -4.12 -2.17
C ASP A 260 6.38 -4.27 -3.69
N GLY A 261 5.21 -4.41 -4.30
CA GLY A 261 5.11 -4.53 -5.73
C GLY A 261 5.31 -5.92 -6.29
N PHE A 262 5.52 -6.92 -5.43
CA PHE A 262 5.75 -8.30 -5.88
C PHE A 262 4.48 -9.10 -5.62
N ASP A 263 3.53 -8.93 -6.53
CA ASP A 263 2.23 -9.59 -6.46
C ASP A 263 2.39 -11.08 -6.79
N HIS A 264 1.89 -11.95 -5.91
CA HIS A 264 2.02 -13.40 -6.09
C HIS A 264 0.69 -14.05 -6.46
N THR A 265 -0.22 -13.28 -7.05
CA THR A 265 -1.55 -13.79 -7.44
C THR A 265 -1.45 -15.06 -8.28
N ALA A 266 -0.48 -15.12 -9.19
CA ALA A 266 -0.37 -16.29 -10.06
C ALA A 266 -0.17 -17.56 -9.27
N TRP A 267 0.58 -17.49 -8.17
CA TRP A 267 0.90 -18.70 -7.42
C TRP A 267 -0.31 -19.27 -6.72
N ARG A 268 -1.30 -18.45 -6.36
CA ARG A 268 -2.48 -19.08 -5.79
C ARG A 268 -3.40 -19.60 -6.89
N TYR A 269 -3.58 -18.82 -7.96
CA TYR A 269 -4.52 -19.24 -9.01
C TYR A 269 -4.04 -20.49 -9.73
N LEU A 270 -2.72 -20.64 -9.92
CA LEU A 270 -2.26 -21.83 -10.64
C LEU A 270 -2.48 -23.11 -9.86
N MET A 271 -2.71 -23.04 -8.54
CA MET A 271 -2.84 -24.26 -7.76
C MET A 271 -4.19 -24.95 -7.97
N SER A 272 -5.18 -24.24 -8.48
CA SER A 272 -6.54 -24.77 -8.51
C SER A 272 -6.64 -26.14 -9.20
N PRO A 273 -6.05 -26.38 -10.37
CA PRO A 273 -6.15 -27.73 -10.97
C PRO A 273 -5.41 -28.79 -10.18
N TYR A 274 -4.35 -28.44 -9.47
CA TYR A 274 -3.67 -29.44 -8.65
C TYR A 274 -4.45 -29.76 -7.39
N ILE A 275 -5.06 -28.74 -6.77
CA ILE A 275 -5.90 -28.96 -5.61
C ILE A 275 -7.10 -29.83 -5.99
N SER A 276 -7.73 -29.52 -7.12
CA SER A 276 -8.84 -30.34 -7.59
C SER A 276 -8.41 -31.79 -7.80
N ALA A 277 -7.26 -32.00 -8.47
CA ALA A 277 -6.78 -33.35 -8.72
C ALA A 277 -6.45 -34.08 -7.42
N TYR A 278 -5.84 -33.38 -6.46
CA TYR A 278 -5.57 -33.97 -5.16
C TYR A 278 -6.85 -34.44 -4.49
N LYS A 279 -7.90 -33.61 -4.52
CA LYS A 279 -9.17 -33.98 -3.91
C LYS A 279 -9.83 -35.14 -4.64
N LEU A 280 -9.64 -35.23 -5.95
CA LEU A 280 -10.22 -36.31 -6.73
C LEU A 280 -9.34 -37.56 -6.79
N GLY A 281 -8.16 -37.52 -6.18
CA GLY A 281 -7.28 -38.68 -6.21
C GLY A 281 -6.61 -38.94 -7.55
N LEU A 282 -6.46 -37.90 -8.38
CA LEU A 282 -5.94 -38.05 -9.74
C LEU A 282 -4.42 -37.92 -9.78
N SER A 283 -3.82 -38.55 -10.77
CA SER A 283 -2.37 -38.53 -10.91
C SER A 283 -1.86 -37.29 -11.65
N GLU A 284 -2.75 -36.54 -12.29
CA GLU A 284 -2.38 -35.36 -13.06
C GLU A 284 -3.40 -34.26 -12.76
N PRO A 285 -3.00 -32.99 -12.91
CA PRO A 285 -3.92 -31.89 -12.59
C PRO A 285 -5.19 -31.96 -13.42
N TYR A 286 -6.28 -31.51 -12.83
CA TYR A 286 -7.59 -31.47 -13.49
C TYR A 286 -7.73 -30.12 -14.17
N ILE A 287 -7.55 -30.10 -15.49
CA ILE A 287 -7.51 -28.85 -16.27
C ILE A 287 -8.86 -28.68 -16.94
N ASN A 288 -9.62 -27.66 -16.51
CA ASN A 288 -10.90 -27.35 -17.13
C ASN A 288 -11.03 -25.86 -17.44
N PHE A 289 -9.90 -25.15 -17.48
CA PHE A 289 -9.86 -23.76 -17.93
C PHE A 289 -8.47 -23.50 -18.50
N GLU A 290 -8.33 -22.37 -19.22
CA GLU A 290 -7.07 -22.02 -19.86
C GLU A 290 -6.50 -20.77 -19.21
N SER A 291 -5.17 -20.71 -19.13
CA SER A 291 -4.51 -19.59 -18.46
C SER A 291 -3.01 -19.66 -18.72
N LEU A 292 -2.40 -18.49 -18.79
CA LEU A 292 -0.95 -18.36 -18.75
C LEU A 292 -0.56 -17.72 -17.43
N PHE A 293 0.50 -18.25 -16.81
CA PHE A 293 1.09 -17.71 -15.60
C PHE A 293 2.56 -17.49 -15.85
N TYR A 294 3.13 -16.43 -15.26
CA TYR A 294 4.56 -16.22 -15.38
C TYR A 294 5.13 -15.76 -14.04
N TRP A 295 6.42 -16.03 -13.84
CA TRP A 295 7.13 -15.50 -12.68
C TRP A 295 8.63 -15.44 -12.95
N TYR A 296 9.29 -14.48 -12.32
CA TYR A 296 10.73 -14.33 -12.49
C TYR A 296 11.22 -13.39 -11.41
N ARG A 297 12.52 -13.54 -11.09
CA ARG A 297 13.21 -12.66 -10.16
C ARG A 297 13.52 -11.32 -10.81
N PRO A 298 13.78 -10.28 -10.02
CA PRO A 298 13.90 -8.93 -10.58
C PRO A 298 15.28 -8.58 -11.15
N THR A 299 16.31 -9.36 -10.88
CA THR A 299 17.68 -9.10 -11.32
C THR A 299 18.33 -10.42 -11.70
N PRO A 300 19.43 -10.37 -12.45
CA PRO A 300 20.30 -11.55 -12.53
C PRO A 300 20.78 -11.92 -11.14
N LYS A 301 20.97 -13.22 -10.93
CA LYS A 301 21.34 -13.67 -9.59
C LYS A 301 22.70 -13.13 -9.15
N SER A 302 23.57 -12.78 -10.11
CA SER A 302 24.90 -12.29 -9.76
C SER A 302 24.94 -10.80 -9.47
N ALA A 303 23.80 -10.11 -9.53
CA ALA A 303 23.79 -8.65 -9.31
C ALA A 303 24.33 -8.29 -7.94
N THR A 304 25.07 -7.20 -7.88
CA THR A 304 25.58 -6.68 -6.61
C THR A 304 24.66 -5.55 -6.15
N ALA A 305 24.02 -5.73 -5.00
CA ALA A 305 23.15 -4.69 -4.47
C ALA A 305 23.95 -3.43 -4.21
N THR A 306 23.35 -2.28 -4.48
CA THR A 306 24.09 -1.03 -4.44
C THR A 306 24.01 -0.30 -3.11
N ALA A 307 23.05 -0.66 -2.25
CA ALA A 307 22.88 0.00 -0.96
C ALA A 307 22.18 -0.90 0.05
N ASP A 308 22.80 -2.02 0.40
CA ASP A 308 22.19 -3.03 1.25
C ASP A 308 22.98 -3.17 2.54
N SER A 309 22.31 -3.03 3.68
CA SER A 309 23.00 -3.23 4.95
C SER A 309 23.24 -4.71 5.24
N LEU A 310 22.68 -5.62 4.44
CA LEU A 310 22.83 -7.05 4.60
C LEU A 310 23.69 -7.62 3.47
N SER A 311 24.25 -8.80 3.72
CA SER A 311 25.13 -9.45 2.76
C SER A 311 24.34 -10.27 1.74
N TYR A 312 25.06 -10.74 0.72
CA TYR A 312 24.49 -11.59 -0.31
C TYR A 312 23.86 -12.83 0.31
N PRO A 313 22.65 -13.23 -0.12
CA PRO A 313 21.96 -14.36 0.52
C PRO A 313 22.57 -15.70 0.11
N SER A 314 22.90 -16.51 1.11
CA SER A 314 23.22 -17.91 0.86
C SER A 314 22.12 -18.54 0.01
N GLY A 315 22.53 -19.34 -0.98
CA GLY A 315 21.59 -19.98 -1.86
C GLY A 315 21.18 -19.17 -3.07
N GLY A 316 21.62 -17.90 -3.16
CA GLY A 316 21.24 -17.08 -4.29
C GLY A 316 21.73 -17.61 -5.62
N ASP A 317 22.88 -18.29 -5.61
CA ASP A 317 23.42 -18.82 -6.86
C ASP A 317 22.71 -20.08 -7.34
N TYR A 318 21.79 -20.66 -6.55
CA TYR A 318 21.14 -21.90 -6.94
C TYR A 318 20.11 -21.69 -8.04
N MET A 319 19.46 -20.53 -8.08
CA MET A 319 18.37 -20.36 -9.02
C MET A 319 18.89 -20.03 -10.41
N GLU A 320 18.02 -20.21 -11.41
CA GLU A 320 18.36 -19.94 -12.80
C GLU A 320 17.88 -18.54 -13.20
N ASP A 321 18.71 -17.85 -14.01
CA ASP A 321 18.34 -16.54 -14.56
C ASP A 321 17.38 -16.77 -15.73
N GLU A 322 16.16 -17.17 -15.39
CA GLU A 322 15.17 -17.52 -16.38
C GLU A 322 13.82 -16.90 -16.04
N ILE A 323 13.00 -16.78 -17.07
CA ILE A 323 11.62 -16.36 -16.96
C ILE A 323 10.75 -17.60 -17.10
N PHE A 324 9.91 -17.87 -16.10
CA PHE A 324 9.12 -19.10 -16.05
C PHE A 324 7.70 -18.85 -16.55
N VAL A 325 7.26 -19.65 -17.51
CA VAL A 325 5.96 -19.48 -18.14
C VAL A 325 5.21 -20.80 -18.08
N LEU A 326 4.07 -20.79 -17.42
CA LEU A 326 3.23 -21.96 -17.22
C LEU A 326 1.91 -21.74 -17.95
N VAL A 327 1.52 -22.67 -18.82
CA VAL A 327 0.29 -22.49 -19.59
C VAL A 327 -0.59 -23.72 -19.44
N TYR A 328 -1.83 -23.50 -19.02
CA TYR A 328 -2.86 -24.53 -18.98
C TYR A 328 -3.69 -24.39 -20.25
N LEU A 329 -3.77 -25.46 -21.04
CA LEU A 329 -4.48 -25.42 -22.32
C LEU A 329 -5.47 -26.57 -22.44
N LEU A 330 -6.61 -26.29 -23.07
CA LEU A 330 -7.55 -27.31 -23.50
C LEU A 330 -7.40 -27.67 -24.97
N GLN A 331 -6.88 -26.76 -25.79
CA GLN A 331 -6.48 -27.02 -27.15
C GLN A 331 -5.09 -26.44 -27.39
N SER A 332 -4.46 -26.86 -28.49
CA SER A 332 -3.16 -26.32 -28.85
C SER A 332 -3.21 -24.82 -29.08
N ALA A 333 -2.09 -24.15 -28.78
CA ALA A 333 -1.96 -22.72 -28.99
C ALA A 333 -0.48 -22.37 -29.10
N GLU A 334 -0.20 -21.25 -29.75
CA GLU A 334 1.17 -20.76 -29.89
C GLU A 334 1.44 -19.74 -28.79
N VAL A 335 2.53 -19.94 -28.06
CA VAL A 335 2.87 -19.10 -26.91
C VAL A 335 4.19 -18.40 -27.22
N THR A 336 4.17 -17.06 -27.22
CA THR A 336 5.36 -16.27 -27.50
C THR A 336 5.79 -15.53 -26.24
N VAL A 337 7.05 -15.71 -25.87
CA VAL A 337 7.64 -15.08 -24.70
C VAL A 337 8.81 -14.23 -25.18
N THR A 338 8.77 -12.95 -24.86
CA THR A 338 9.79 -12.01 -25.30
C THR A 338 10.30 -11.22 -24.12
N CYS A 339 11.62 -10.97 -24.09
CA CYS A 339 12.19 -10.07 -23.11
C CYS A 339 13.31 -9.32 -23.81
N GLY A 340 13.00 -8.11 -24.29
CA GLY A 340 14.00 -7.35 -25.03
C GLY A 340 14.32 -8.05 -26.34
N SER A 341 15.61 -8.29 -26.59
CA SER A 341 16.02 -8.99 -27.81
C SER A 341 15.84 -10.49 -27.72
N THR A 342 15.50 -11.03 -26.54
CA THR A 342 15.33 -12.46 -26.36
C THR A 342 13.87 -12.83 -26.61
N THR A 343 13.65 -13.78 -27.53
CA THR A 343 12.28 -14.17 -27.83
C THR A 343 12.26 -15.63 -28.25
N GLN A 344 11.15 -16.29 -27.94
CA GLN A 344 10.94 -17.66 -28.37
C GLN A 344 9.44 -17.92 -28.47
N THR A 345 9.04 -18.67 -29.49
CA THR A 345 7.66 -19.06 -29.66
C THR A 345 7.56 -20.56 -29.42
N PHE A 346 6.63 -20.96 -28.57
CA PHE A 346 6.47 -22.35 -28.16
C PHE A 346 5.15 -22.88 -28.67
N SER A 347 5.13 -24.18 -28.98
CA SER A 347 3.91 -24.87 -29.38
C SER A 347 3.26 -25.45 -28.13
N GLY A 348 2.25 -24.77 -27.61
CA GLY A 348 1.52 -25.29 -26.46
C GLY A 348 0.57 -26.41 -26.88
N VAL A 349 0.47 -27.43 -26.04
CA VAL A 349 -0.39 -28.58 -26.29
C VAL A 349 -1.37 -28.69 -25.14
N PRO A 350 -2.46 -29.45 -25.32
CA PRO A 350 -3.43 -29.63 -24.22
C PRO A 350 -2.75 -30.17 -22.97
N GLY A 351 -3.16 -29.62 -21.83
CA GLY A 351 -2.60 -30.01 -20.55
C GLY A 351 -1.71 -28.92 -19.98
N VAL A 352 -0.70 -29.31 -19.21
CA VAL A 352 0.23 -28.37 -18.59
C VAL A 352 1.42 -28.18 -19.51
N ASN A 353 1.84 -26.92 -19.68
CA ASN A 353 2.99 -26.56 -20.50
C ASN A 353 3.94 -25.73 -19.65
N GLN A 354 5.23 -26.04 -19.72
CA GLN A 354 6.24 -25.33 -18.94
C GLN A 354 7.34 -24.85 -19.87
N PHE A 355 7.46 -23.53 -20.02
CA PHE A 355 8.44 -22.92 -20.90
C PHE A 355 9.30 -21.94 -20.11
N THR A 356 10.53 -21.73 -20.59
CA THR A 356 11.40 -20.68 -20.08
C THR A 356 12.12 -19.98 -21.23
N ILE A 357 12.46 -18.72 -21.00
CA ILE A 357 13.49 -18.04 -21.79
C ILE A 357 14.48 -17.42 -20.83
N PRO A 358 15.72 -17.18 -21.28
CA PRO A 358 16.70 -16.50 -20.43
C PRO A 358 16.28 -15.07 -20.13
N MET A 359 16.64 -14.62 -18.94
CA MET A 359 16.48 -13.21 -18.58
C MET A 359 17.27 -12.32 -19.53
N GLU A 360 16.72 -11.14 -19.79
CA GLU A 360 17.49 -10.03 -20.35
C GLU A 360 17.15 -8.77 -19.56
N THR A 361 18.17 -8.02 -19.14
CA THR A 361 17.89 -6.90 -18.27
C THR A 361 17.48 -5.67 -19.07
N ASN A 362 16.94 -4.69 -18.35
CA ASN A 362 16.48 -3.42 -18.92
C ASN A 362 15.43 -3.66 -20.00
N ALA A 363 14.56 -4.64 -19.75
CA ALA A 363 13.47 -4.97 -20.65
C ALA A 363 12.33 -5.52 -19.80
N SER A 364 11.11 -5.30 -20.29
CA SER A 364 9.92 -5.82 -19.63
C SER A 364 9.40 -7.01 -20.41
N PRO A 365 9.35 -8.20 -19.81
CA PRO A 365 8.91 -9.39 -20.56
C PRO A 365 7.47 -9.26 -21.00
N SER A 366 7.19 -9.77 -22.19
CA SER A 366 5.84 -9.80 -22.72
C SER A 366 5.45 -11.23 -23.05
N PHE A 367 4.15 -11.51 -22.96
CA PHE A 367 3.62 -12.86 -23.09
C PHE A 367 2.38 -12.80 -23.96
N THR A 368 2.34 -13.63 -25.01
CA THR A 368 1.18 -13.70 -25.88
C THR A 368 0.80 -15.15 -26.12
N VAL A 369 -0.51 -15.40 -26.15
CA VAL A 369 -1.07 -16.68 -26.54
C VAL A 369 -1.95 -16.45 -27.76
N ALA A 370 -1.73 -17.24 -28.81
CA ALA A 370 -2.46 -17.08 -30.06
C ALA A 370 -2.96 -18.43 -30.56
N ARG A 371 -4.05 -18.39 -31.32
CA ARG A 371 -4.70 -19.60 -31.79
C ARG A 371 -5.40 -19.26 -33.09
N GLN A 372 -5.03 -19.96 -34.17
CA GLN A 372 -5.56 -19.67 -35.51
C GLN A 372 -5.22 -18.25 -35.92
N GLY A 373 -4.01 -17.80 -35.59
CA GLY A 373 -3.56 -16.47 -35.92
C GLY A 373 -4.12 -15.35 -35.07
N GLY A 374 -5.16 -15.59 -34.28
CA GLY A 374 -5.77 -14.57 -33.46
C GLY A 374 -5.24 -14.61 -32.03
N THR A 375 -4.99 -13.42 -31.46
CA THR A 375 -4.47 -13.33 -30.10
C THR A 375 -5.56 -13.64 -29.08
N LEU A 376 -5.26 -14.57 -28.17
CA LEU A 376 -6.15 -14.91 -27.08
C LEU A 376 -5.81 -14.16 -25.80
N ALA A 377 -4.52 -13.86 -25.59
CA ALA A 377 -4.09 -13.25 -24.35
C ALA A 377 -2.78 -12.53 -24.60
N SER A 378 -2.59 -11.42 -23.90
CA SER A 378 -1.37 -10.64 -24.07
C SER A 378 -1.16 -9.81 -22.80
N GLY A 379 0.08 -9.78 -22.32
CA GLY A 379 0.39 -9.03 -21.11
C GLY A 379 1.87 -8.77 -21.02
N THR A 380 2.22 -7.89 -20.07
CA THR A 380 3.58 -7.41 -19.89
C THR A 380 3.91 -7.45 -18.40
N GLY A 381 5.06 -8.01 -18.07
CA GLY A 381 5.51 -8.02 -16.69
C GLY A 381 6.41 -6.84 -16.34
N PRO A 382 6.75 -6.70 -15.06
CA PRO A 382 7.66 -5.62 -14.64
C PRO A 382 9.05 -5.77 -15.23
N GLU A 383 9.72 -4.63 -15.41
CA GLU A 383 11.04 -4.60 -16.01
C GLU A 383 12.07 -5.32 -15.13
N ILE A 384 12.91 -6.14 -15.77
CA ILE A 384 14.07 -6.74 -15.12
C ILE A 384 15.23 -5.75 -15.19
N VAL A 385 15.98 -5.59 -14.09
CA VAL A 385 17.01 -4.57 -14.02
C VAL A 385 18.36 -5.21 -13.67
N ASP A 386 19.43 -4.43 -13.90
CA ASP A 386 20.78 -4.95 -13.64
C ASP A 386 21.07 -5.08 -12.15
N SER A 387 20.51 -4.19 -11.33
CA SER A 387 20.73 -4.26 -9.89
C SER A 387 19.66 -3.43 -9.19
N LEU A 388 19.52 -3.69 -7.90
CA LEU A 388 18.64 -2.94 -7.01
C LEU A 388 19.46 -2.46 -5.81
N SER A 389 18.85 -1.60 -5.00
CA SER A 389 19.49 -1.16 -3.75
C SER A 389 19.78 -2.35 -2.84
N ILE A 390 18.87 -3.34 -2.82
CA ILE A 390 19.04 -4.49 -1.95
C ILE A 390 19.04 -5.76 -2.79
N TYR A 391 19.68 -6.80 -2.25
CA TYR A 391 19.53 -8.13 -2.82
C TYR A 391 18.06 -8.53 -2.78
N ASN A 392 17.54 -9.01 -3.91
CA ASN A 392 16.13 -9.33 -4.01
C ASN A 392 15.99 -10.58 -4.87
N PHE A 393 15.68 -11.71 -4.21
CA PHE A 393 15.42 -12.98 -4.89
C PHE A 393 13.97 -13.40 -4.77
N ASN A 394 13.08 -12.48 -4.38
CA ASN A 394 11.65 -12.70 -4.54
C ASN A 394 11.31 -12.73 -6.03
N ALA A 395 10.10 -13.18 -6.37
CA ALA A 395 9.66 -13.21 -7.75
C ALA A 395 8.45 -12.31 -7.96
N TYR A 396 8.44 -11.60 -9.08
CA TYR A 396 7.20 -11.10 -9.66
C TYR A 396 6.40 -12.26 -10.23
N THR A 397 5.07 -12.13 -10.24
CA THR A 397 4.20 -13.10 -10.92
C THR A 397 3.09 -12.38 -11.66
N GLY A 398 2.51 -13.05 -12.65
CA GLY A 398 1.34 -12.53 -13.33
C GLY A 398 0.46 -13.63 -13.88
N VAL A 399 -0.82 -13.29 -14.08
CA VAL A 399 -1.82 -14.21 -14.64
C VAL A 399 -2.44 -13.59 -15.87
N LEU A 400 -2.61 -14.39 -16.92
CA LEU A 400 -3.40 -14.01 -18.09
C LEU A 400 -4.43 -15.11 -18.32
N TYR A 401 -5.66 -14.88 -17.88
CA TYR A 401 -6.74 -15.82 -18.19
C TYR A 401 -7.19 -15.63 -19.64
N PHE A 402 -7.64 -16.71 -20.26
CA PHE A 402 -8.26 -16.62 -21.58
C PHE A 402 -9.16 -17.82 -21.83
N MET B 1 -34.22 15.46 -36.55
CA MET B 1 -32.87 15.54 -37.09
C MET B 1 -31.82 15.27 -35.99
N VAL B 2 -30.72 14.61 -36.35
CA VAL B 2 -29.56 14.42 -35.48
C VAL B 2 -28.35 15.00 -36.20
N VAL B 3 -27.74 16.04 -35.63
CA VAL B 3 -26.54 16.62 -36.20
C VAL B 3 -25.42 16.47 -35.18
N ALA B 4 -24.19 16.68 -35.62
CA ALA B 4 -23.02 16.63 -34.74
C ALA B 4 -22.32 17.97 -34.75
N HIS B 5 -21.90 18.41 -33.56
CA HIS B 5 -21.13 19.62 -33.38
C HIS B 5 -19.69 19.40 -33.87
N PHE B 6 -19.23 20.25 -34.78
CA PHE B 6 -17.96 20.08 -35.46
C PHE B 6 -17.06 21.30 -35.20
N ILE B 7 -15.87 21.06 -34.67
CA ILE B 7 -14.91 22.12 -34.34
C ILE B 7 -14.13 22.49 -35.59
N VAL B 8 -14.55 23.58 -36.27
CA VAL B 8 -13.81 24.01 -37.45
C VAL B 8 -12.39 24.42 -37.09
N GLY B 9 -12.17 24.82 -35.84
CA GLY B 9 -10.85 25.23 -35.40
C GLY B 9 -9.80 24.14 -35.48
N ASN B 10 -10.20 22.88 -35.67
CA ASN B 10 -9.26 21.78 -35.80
C ASN B 10 -8.97 21.42 -37.25
N THR B 11 -9.41 22.22 -38.22
CA THR B 11 -9.31 21.82 -39.62
C THR B 11 -8.26 22.60 -40.41
N TYR B 12 -7.28 23.24 -39.77
CA TYR B 12 -6.27 23.94 -40.55
C TYR B 12 -5.64 23.05 -41.64
N PRO B 13 -5.28 21.79 -41.39
CA PRO B 13 -4.70 20.97 -42.47
C PRO B 13 -5.71 20.30 -43.39
N TYR B 14 -7.02 20.50 -43.19
CA TYR B 14 -8.02 19.78 -43.96
C TYR B 14 -7.99 20.16 -45.44
N THR B 15 -8.15 19.16 -46.29
CA THR B 15 -8.54 19.36 -47.68
C THR B 15 -9.95 18.81 -47.85
N VAL B 16 -10.47 18.92 -49.07
CA VAL B 16 -11.84 18.46 -49.33
C VAL B 16 -11.98 16.98 -48.98
N SER B 17 -10.93 16.20 -49.23
CA SER B 17 -11.00 14.76 -48.97
C SER B 17 -11.21 14.46 -47.49
N ASN B 18 -10.59 15.26 -46.60
CA ASN B 18 -10.80 15.05 -45.16
C ASN B 18 -12.26 15.28 -44.80
N TRP B 19 -12.85 16.37 -45.29
CA TRP B 19 -14.27 16.64 -45.08
C TRP B 19 -15.13 15.51 -45.62
N GLU B 20 -14.80 15.00 -46.81
CA GLU B 20 -15.62 13.93 -47.39
C GLU B 20 -15.62 12.71 -46.48
N GLU B 21 -14.49 12.41 -45.86
CA GLU B 21 -14.44 11.25 -44.96
C GLU B 21 -15.30 11.47 -43.73
N ASP B 22 -15.20 12.65 -43.10
CA ASP B 22 -16.04 12.94 -41.95
C ASP B 22 -17.51 12.82 -42.31
N ILE B 23 -17.91 13.35 -43.47
CA ILE B 23 -19.31 13.36 -43.83
C ILE B 23 -19.80 11.94 -44.10
N GLN B 24 -19.02 11.16 -44.85
CA GLN B 24 -19.36 9.76 -45.09
C GLN B 24 -19.49 8.99 -43.78
N ASP B 25 -18.55 9.23 -42.85
CA ASP B 25 -18.59 8.53 -41.56
C ASP B 25 -19.82 8.90 -40.75
N ALA B 26 -20.21 10.18 -40.77
CA ALA B 26 -21.41 10.60 -40.06
C ALA B 26 -22.66 9.99 -40.66
N ILE B 27 -22.78 10.06 -42.00
CA ILE B 27 -23.93 9.46 -42.68
C ILE B 27 -24.07 7.99 -42.32
N ALA B 28 -22.94 7.27 -42.26
CA ALA B 28 -22.97 5.83 -42.06
C ALA B 28 -23.61 5.43 -40.74
N VAL B 29 -23.55 6.29 -39.72
CA VAL B 29 -24.21 5.97 -38.45
C VAL B 29 -25.55 6.66 -38.29
N GLY B 30 -26.02 7.42 -39.29
CA GLY B 30 -27.31 8.05 -39.25
C GLY B 30 -27.32 9.52 -38.88
N ILE B 31 -26.16 10.15 -38.76
CA ILE B 31 -26.11 11.58 -38.49
C ILE B 31 -26.43 12.35 -39.77
N ASP B 32 -27.28 13.38 -39.64
CA ASP B 32 -27.90 14.08 -40.77
C ASP B 32 -27.13 15.31 -41.19
N GLY B 33 -26.21 15.80 -40.38
CA GLY B 33 -25.50 17.00 -40.75
C GLY B 33 -24.52 17.40 -39.66
N PHE B 34 -23.82 18.51 -39.91
CA PHE B 34 -22.86 19.08 -38.99
C PHE B 34 -23.24 20.52 -38.63
N ALA B 35 -23.13 20.84 -37.36
CA ALA B 35 -23.08 22.23 -36.91
C ALA B 35 -21.64 22.65 -37.01
N LEU B 36 -21.33 23.54 -37.95
CA LEU B 36 -19.95 23.95 -38.19
C LEU B 36 -19.62 25.08 -37.22
N ASN B 37 -18.96 24.72 -36.11
CA ASN B 37 -18.67 25.66 -35.04
C ASN B 37 -17.34 26.36 -35.35
N MET B 38 -17.41 27.66 -35.59
CA MET B 38 -16.28 28.38 -36.16
C MET B 38 -15.84 29.50 -35.23
N GLY B 39 -14.54 29.76 -35.26
CA GLY B 39 -13.92 30.92 -34.65
C GLY B 39 -13.71 32.02 -35.66
N SER B 40 -12.73 32.89 -35.37
CA SER B 40 -12.56 34.13 -36.13
C SER B 40 -11.44 34.08 -37.16
N ASP B 41 -10.60 33.04 -37.16
CA ASP B 41 -9.51 32.94 -38.13
C ASP B 41 -10.05 32.93 -39.56
N ALA B 42 -9.47 33.80 -40.41
CA ALA B 42 -9.93 33.88 -41.80
C ALA B 42 -9.80 32.55 -42.53
N TRP B 43 -8.81 31.73 -42.19
CA TRP B 43 -8.69 30.45 -42.88
C TRP B 43 -9.86 29.51 -42.59
N GLN B 44 -10.57 29.72 -41.48
CA GLN B 44 -11.70 28.84 -41.19
C GLN B 44 -12.81 29.00 -42.23
N VAL B 45 -13.01 30.22 -42.73
CA VAL B 45 -14.01 30.44 -43.77
C VAL B 45 -13.67 29.63 -45.02
N GLU B 46 -12.38 29.53 -45.35
CA GLU B 46 -11.98 28.76 -46.52
C GLU B 46 -12.18 27.26 -46.29
N ARG B 47 -11.94 26.76 -45.07
CA ARG B 47 -12.23 25.35 -44.82
C ARG B 47 -13.73 25.07 -44.91
N ILE B 48 -14.55 26.02 -44.47
CA ILE B 48 -15.99 25.81 -44.50
C ILE B 48 -16.49 25.77 -45.94
N GLU B 49 -15.89 26.59 -46.82
CA GLU B 49 -16.19 26.46 -48.25
C GLU B 49 -15.97 25.02 -48.71
N ASP B 50 -14.84 24.42 -48.30
CA ASP B 50 -14.56 23.04 -48.66
C ASP B 50 -15.56 22.07 -48.05
N ALA B 51 -16.01 22.36 -46.82
CA ALA B 51 -17.01 21.51 -46.16
C ALA B 51 -18.28 21.43 -46.99
N TYR B 52 -18.77 22.58 -47.44
CA TYR B 52 -19.99 22.58 -48.25
C TYR B 52 -19.76 21.87 -49.58
N ASP B 53 -18.59 22.08 -50.20
CA ASP B 53 -18.31 21.39 -51.45
C ASP B 53 -18.25 19.89 -51.25
N ALA B 54 -17.64 19.45 -50.14
CA ALA B 54 -17.55 18.03 -49.84
C ALA B 54 -18.93 17.43 -49.61
N ALA B 55 -19.80 18.18 -48.92
CA ALA B 55 -21.16 17.69 -48.66
C ALA B 55 -21.91 17.49 -49.97
N ALA B 56 -21.81 18.44 -50.89
CA ALA B 56 -22.47 18.30 -52.18
C ALA B 56 -21.93 17.10 -52.94
N SER B 57 -20.63 16.82 -52.81
CA SER B 57 -20.06 15.64 -53.48
C SER B 57 -20.55 14.35 -52.86
N VAL B 58 -20.82 14.33 -51.56
CA VAL B 58 -21.15 13.08 -50.88
C VAL B 58 -22.65 12.82 -50.86
N SER B 59 -23.48 13.82 -50.57
CA SER B 59 -24.91 13.56 -50.47
C SER B 59 -25.68 14.86 -50.49
N SER B 60 -26.68 14.94 -51.38
CA SER B 60 -27.54 16.13 -51.43
C SER B 60 -28.36 16.31 -50.17
N ASP B 61 -28.50 15.28 -49.33
CA ASP B 61 -29.33 15.37 -48.15
C ASP B 61 -28.57 15.77 -46.88
N PHE B 62 -27.25 15.66 -46.88
CA PHE B 62 -26.48 16.01 -45.68
C PHE B 62 -26.53 17.53 -45.48
N LYS B 63 -26.77 17.95 -44.24
CA LYS B 63 -27.07 19.34 -43.90
C LYS B 63 -25.88 19.99 -43.22
N LEU B 64 -25.61 21.25 -43.55
CA LEU B 64 -24.59 22.03 -42.85
C LEU B 64 -25.19 23.36 -42.43
N PHE B 65 -24.73 23.88 -41.28
CA PHE B 65 -25.07 25.23 -40.88
C PHE B 65 -23.96 25.75 -40.00
N ILE B 66 -23.92 27.07 -39.84
CA ILE B 66 -22.86 27.71 -39.05
C ILE B 66 -23.28 27.80 -37.59
N SER B 67 -22.36 27.45 -36.69
CA SER B 67 -22.48 27.75 -35.27
C SER B 67 -21.40 28.79 -34.98
N PHE B 68 -21.81 30.00 -34.65
CA PHE B 68 -20.82 31.03 -34.33
C PHE B 68 -20.36 30.82 -32.89
N ASP B 69 -19.08 30.52 -32.71
CA ASP B 69 -18.55 30.31 -31.37
C ASP B 69 -18.21 31.68 -30.79
N MET B 70 -19.17 32.23 -30.03
CA MET B 70 -19.01 33.57 -29.48
C MET B 70 -18.11 33.59 -28.24
N SER B 71 -17.61 32.43 -27.82
CA SER B 71 -16.52 32.45 -26.85
C SER B 71 -15.20 32.80 -27.52
N ILE B 72 -15.16 32.77 -28.85
CA ILE B 72 -13.97 33.08 -29.63
C ILE B 72 -14.16 34.32 -30.48
N ILE B 73 -15.31 34.44 -31.14
CA ILE B 73 -15.62 35.56 -32.01
C ILE B 73 -16.08 36.74 -31.17
N SER B 74 -15.61 37.93 -31.51
CA SER B 74 -16.15 39.14 -30.89
C SER B 74 -17.54 39.45 -31.44
N ALA B 75 -18.27 40.32 -30.73
CA ALA B 75 -19.58 40.74 -31.19
C ALA B 75 -19.46 41.62 -32.42
N ASP B 76 -19.17 41.01 -33.57
CA ASP B 76 -18.92 41.69 -34.84
C ASP B 76 -20.06 41.35 -35.79
N ALA B 77 -21.08 42.20 -35.82
CA ALA B 77 -22.29 41.93 -36.59
C ALA B 77 -22.02 41.82 -38.09
N ASP B 78 -21.06 42.61 -38.61
CA ASP B 78 -20.81 42.54 -40.03
C ASP B 78 -20.13 41.25 -40.41
N PHE B 79 -19.25 40.74 -39.55
CA PHE B 79 -18.64 39.45 -39.78
C PHE B 79 -19.69 38.35 -39.76
N ILE B 80 -20.59 38.39 -38.77
CA ILE B 80 -21.60 37.34 -38.63
C ILE B 80 -22.54 37.35 -39.83
N GLU B 81 -23.04 38.54 -40.20
CA GLU B 81 -23.91 38.64 -41.37
C GLU B 81 -23.21 38.15 -42.63
N GLY B 82 -21.94 38.51 -42.81
CA GLY B 82 -21.25 38.12 -44.02
C GLY B 82 -21.07 36.62 -44.15
N VAL B 83 -20.76 35.95 -43.03
CA VAL B 83 -20.60 34.51 -43.05
C VAL B 83 -21.93 33.82 -43.38
N VAL B 84 -23.01 34.25 -42.74
CA VAL B 84 -24.31 33.64 -43.00
C VAL B 84 -24.67 33.77 -44.48
N ARG B 85 -24.46 34.97 -45.04
CA ARG B 85 -24.80 35.18 -46.45
C ARG B 85 -23.90 34.39 -47.37
N ARG B 86 -22.63 34.23 -46.99
CA ARG B 86 -21.68 33.52 -47.84
C ARG B 86 -22.11 32.08 -48.06
N PHE B 87 -22.69 31.44 -47.06
CA PHE B 87 -23.02 30.03 -47.18
C PHE B 87 -24.51 29.76 -47.31
N ALA B 88 -25.37 30.77 -47.16
CA ALA B 88 -26.82 30.54 -47.16
C ALA B 88 -27.33 29.95 -48.47
N ASP B 89 -26.68 30.23 -49.58
CA ASP B 89 -27.18 29.75 -50.86
C ASP B 89 -26.55 28.43 -51.31
N LYS B 90 -25.63 27.87 -50.52
CA LYS B 90 -25.08 26.57 -50.86
C LYS B 90 -26.17 25.51 -50.80
N PRO B 91 -26.14 24.53 -51.70
CA PRO B 91 -27.24 23.55 -51.75
C PRO B 91 -27.36 22.70 -50.49
N ASN B 92 -26.31 22.58 -49.69
CA ASN B 92 -26.40 21.76 -48.48
C ASN B 92 -26.68 22.59 -47.23
N GLN B 93 -26.91 23.89 -47.38
CA GLN B 93 -27.28 24.70 -46.22
C GLN B 93 -28.60 24.22 -45.63
N LEU B 94 -28.64 24.13 -44.30
CA LEU B 94 -29.86 23.74 -43.61
C LEU B 94 -30.81 24.93 -43.51
N TYR B 95 -32.03 24.75 -44.01
CA TYR B 95 -33.13 25.68 -43.80
C TYR B 95 -34.14 25.08 -42.84
N TYR B 96 -34.85 25.95 -42.14
CA TYR B 96 -35.91 25.54 -41.22
C TYR B 96 -37.02 26.56 -41.33
N ASP B 97 -38.26 26.11 -41.59
CA ASP B 97 -39.37 27.07 -41.69
C ASP B 97 -39.10 28.07 -42.82
N GLY B 98 -38.35 27.64 -43.83
CA GLY B 98 -37.96 28.49 -44.94
C GLY B 98 -36.86 29.50 -44.66
N LYS B 99 -36.20 29.40 -43.50
CA LYS B 99 -35.21 30.38 -43.06
C LYS B 99 -33.87 29.69 -42.86
N VAL B 100 -32.79 30.49 -42.95
CA VAL B 100 -31.44 29.94 -42.80
C VAL B 100 -31.21 29.56 -41.34
N PHE B 101 -30.91 28.30 -41.09
CA PHE B 101 -30.64 27.83 -39.74
C PHE B 101 -29.28 28.36 -39.30
N VAL B 102 -29.24 29.05 -38.14
CA VAL B 102 -28.04 29.65 -37.59
C VAL B 102 -27.97 29.33 -36.09
N SER B 103 -26.81 28.89 -35.62
CA SER B 103 -26.67 28.54 -34.21
C SER B 103 -25.47 29.27 -33.63
N THR B 104 -25.24 29.07 -32.33
CA THR B 104 -24.08 29.63 -31.65
C THR B 104 -23.54 28.63 -30.63
N PHE B 105 -22.33 28.89 -30.18
CA PHE B 105 -21.96 28.56 -28.82
C PHE B 105 -21.82 29.88 -28.09
N ALA B 106 -22.62 30.05 -27.02
CA ALA B 106 -22.62 31.25 -26.19
C ALA B 106 -23.11 32.48 -26.97
N GLY B 107 -22.72 33.67 -26.52
CA GLY B 107 -23.22 34.91 -27.08
C GLY B 107 -24.34 35.57 -26.27
N GLU B 108 -24.73 35.01 -25.14
CA GLU B 108 -25.88 35.52 -24.40
C GLU B 108 -25.59 36.81 -23.64
N THR B 109 -24.34 37.27 -23.59
CA THR B 109 -24.02 38.57 -23.02
C THR B 109 -23.63 39.58 -24.08
N ASP B 110 -23.68 39.23 -25.37
CA ASP B 110 -23.34 40.16 -26.43
C ASP B 110 -24.59 40.94 -26.83
N THR B 111 -24.50 42.27 -26.75
CA THR B 111 -25.62 43.12 -27.11
C THR B 111 -25.32 44.00 -28.31
N PHE B 112 -24.10 43.94 -28.87
CA PHE B 112 -23.73 44.70 -30.06
C PHE B 112 -23.95 46.20 -29.84
N GLY B 113 -23.86 46.65 -28.60
CA GLY B 113 -24.04 48.04 -28.26
C GLY B 113 -25.46 48.46 -27.96
N TYR B 114 -26.39 47.52 -27.82
CA TYR B 114 -27.79 47.82 -27.57
C TYR B 114 -28.14 47.55 -26.11
N SER B 115 -29.41 47.82 -25.76
CA SER B 115 -29.85 47.75 -24.38
C SER B 115 -29.80 46.34 -23.81
N ASP B 116 -29.99 45.32 -24.64
CA ASP B 116 -30.07 43.96 -24.14
C ASP B 116 -29.73 43.01 -25.28
N VAL B 117 -29.64 41.72 -24.94
CA VAL B 117 -29.14 40.72 -25.88
C VAL B 117 -30.11 40.55 -27.06
N SER B 118 -31.41 40.48 -26.78
CA SER B 118 -32.37 40.29 -27.87
C SER B 118 -32.39 41.49 -28.81
N THR B 119 -32.44 42.71 -28.27
CA THR B 119 -32.43 43.88 -29.15
C THR B 119 -31.14 43.92 -29.96
N GLY B 120 -30.03 43.52 -29.34
CA GLY B 120 -28.75 43.58 -30.04
C GLY B 120 -28.65 42.55 -31.15
N TRP B 121 -28.94 41.28 -30.84
CA TRP B 121 -28.87 40.26 -31.88
C TRP B 121 -29.90 40.52 -32.98
N ASP B 122 -31.07 41.03 -32.61
CA ASP B 122 -32.10 41.27 -33.62
C ASP B 122 -31.74 42.46 -34.50
N SER B 123 -31.31 43.57 -33.88
CA SER B 123 -31.02 44.78 -34.63
C SER B 123 -29.73 44.67 -35.42
N ALA B 124 -28.73 43.96 -34.90
CA ALA B 124 -27.42 43.91 -35.53
C ALA B 124 -27.25 42.72 -36.48
N VAL B 125 -27.99 41.64 -36.27
CA VAL B 125 -27.77 40.41 -37.05
C VAL B 125 -29.06 39.99 -37.77
N LYS B 126 -30.12 39.76 -37.00
CA LYS B 126 -31.35 39.18 -37.57
C LYS B 126 -31.98 40.10 -38.59
N GLU B 127 -32.20 41.36 -38.23
CA GLU B 127 -32.87 42.30 -39.13
C GLU B 127 -32.06 42.55 -40.40
N PRO B 128 -30.75 42.86 -40.34
CA PRO B 128 -30.00 43.04 -41.59
C PRO B 128 -30.05 41.84 -42.51
N LEU B 129 -30.04 40.62 -41.95
CA LEU B 129 -30.10 39.44 -42.80
C LEU B 129 -31.47 39.32 -43.44
N ALA B 130 -32.53 39.51 -42.66
CA ALA B 130 -33.88 39.43 -43.20
C ALA B 130 -34.11 40.45 -44.30
N SER B 131 -33.64 41.69 -44.08
CA SER B 131 -33.84 42.75 -45.07
C SER B 131 -33.09 42.46 -46.36
N ALA B 132 -31.98 41.76 -46.28
CA ALA B 132 -31.26 41.35 -47.48
C ALA B 132 -31.85 40.11 -48.13
N GLY B 133 -32.97 39.59 -47.61
CA GLY B 133 -33.57 38.41 -48.17
C GLY B 133 -33.06 37.11 -47.59
N TYR B 134 -32.45 37.15 -46.41
CA TYR B 134 -31.90 35.95 -45.76
C TYR B 134 -32.38 35.87 -44.32
N PRO B 135 -33.70 35.81 -44.09
CA PRO B 135 -34.17 35.64 -42.71
C PRO B 135 -33.61 34.35 -42.15
N ILE B 136 -33.27 34.36 -40.87
CA ILE B 136 -32.62 33.22 -40.24
C ILE B 136 -33.55 32.63 -39.20
N TYR B 137 -33.37 31.33 -38.95
CA TYR B 137 -33.97 30.64 -37.81
C TYR B 137 -32.88 30.53 -36.75
N PHE B 138 -32.99 31.33 -35.69
CA PHE B 138 -31.87 31.57 -34.79
C PHE B 138 -31.97 30.66 -33.58
N VAL B 139 -31.02 29.72 -33.47
CA VAL B 139 -31.05 28.71 -32.42
C VAL B 139 -29.75 28.77 -31.63
N PRO B 140 -29.55 29.78 -30.78
CA PRO B 140 -28.29 29.89 -30.05
C PRO B 140 -28.20 28.90 -28.91
N SER B 141 -26.96 28.64 -28.46
CA SER B 141 -26.71 27.84 -27.26
C SER B 141 -26.37 28.81 -26.14
N TRP B 142 -27.37 29.11 -25.32
CA TRP B 142 -27.28 30.15 -24.30
C TRP B 142 -27.64 29.54 -22.94
N THR B 143 -26.97 28.44 -22.58
CA THR B 143 -27.44 27.66 -21.44
C THR B 143 -27.29 28.43 -20.13
N SER B 144 -26.36 29.38 -20.07
CA SER B 144 -26.16 30.11 -18.81
C SER B 144 -27.40 30.90 -18.41
N LEU B 145 -28.31 31.18 -19.35
CA LEU B 145 -29.57 31.85 -19.04
C LEU B 145 -30.62 30.89 -18.49
N GLY B 146 -30.38 29.59 -18.55
CA GLY B 146 -31.41 28.66 -18.13
C GLY B 146 -32.62 28.78 -19.03
N GLN B 147 -33.82 28.68 -18.43
CA GLN B 147 -35.05 28.85 -19.20
C GLN B 147 -35.15 30.26 -19.78
N GLY B 148 -34.36 31.21 -19.28
CA GLY B 148 -34.31 32.52 -19.89
C GLY B 148 -33.87 32.51 -21.35
N ALA B 149 -33.16 31.46 -21.79
CA ALA B 149 -32.72 31.40 -23.18
C ALA B 149 -33.90 31.28 -24.13
N LEU B 150 -34.79 30.32 -23.87
CA LEU B 150 -35.98 30.17 -24.70
C LEU B 150 -36.89 31.38 -24.59
N GLU B 151 -36.84 32.09 -23.46
CA GLU B 151 -37.71 33.25 -23.27
C GLU B 151 -37.20 34.50 -23.99
N GLU B 152 -35.96 34.53 -24.45
CA GLU B 152 -35.47 35.66 -25.23
C GLU B 152 -36.21 35.74 -26.55
N SER B 153 -36.76 36.92 -26.87
CA SER B 153 -37.59 37.07 -28.05
C SER B 153 -36.80 36.85 -29.34
N VAL B 154 -35.48 37.10 -29.33
CA VAL B 154 -34.71 36.92 -30.55
C VAL B 154 -34.49 35.45 -30.87
N ALA B 155 -34.64 34.55 -29.91
CA ALA B 155 -34.36 33.14 -30.14
C ALA B 155 -35.58 32.45 -30.73
N ASP B 156 -35.38 31.78 -31.86
CA ASP B 156 -36.39 30.87 -32.40
C ASP B 156 -36.25 29.47 -31.85
N GLY B 157 -35.12 29.16 -31.21
CA GLY B 157 -34.89 27.87 -30.61
C GLY B 157 -33.75 28.00 -29.61
N PHE B 158 -33.44 26.88 -28.96
CA PHE B 158 -32.41 26.87 -27.92
C PHE B 158 -31.70 25.52 -27.94
N LEU B 159 -30.37 25.56 -28.03
CA LEU B 159 -29.53 24.38 -27.92
C LEU B 159 -28.91 24.38 -26.53
N SER B 160 -29.27 23.39 -25.72
CA SER B 160 -28.67 23.26 -24.40
C SER B 160 -27.27 22.66 -24.52
N TRP B 161 -26.37 23.08 -23.63
CA TRP B 161 -25.05 22.48 -23.49
C TRP B 161 -24.95 21.59 -22.26
N ASN B 162 -26.07 21.28 -21.62
CA ASN B 162 -26.05 20.52 -20.36
C ASN B 162 -26.14 19.02 -20.68
N ALA B 163 -24.99 18.45 -21.06
CA ALA B 163 -24.91 17.08 -21.55
C ALA B 163 -24.26 16.13 -20.56
N TRP B 164 -23.68 16.63 -19.48
CA TRP B 164 -22.90 15.76 -18.61
C TRP B 164 -23.34 15.89 -17.17
N PRO B 165 -23.22 14.82 -16.40
CA PRO B 165 -23.28 14.97 -14.93
C PRO B 165 -22.14 15.87 -14.47
N THR B 166 -22.47 16.83 -13.62
CA THR B 166 -21.45 17.71 -13.04
C THR B 166 -21.09 17.32 -11.62
N THR B 167 -21.70 16.27 -11.09
CA THR B 167 -21.37 15.76 -9.76
C THR B 167 -21.05 14.27 -9.86
N ASP B 168 -20.99 13.57 -8.72
CA ASP B 168 -20.83 12.12 -8.74
C ASP B 168 -22.11 11.39 -9.12
N ALA B 169 -23.19 12.09 -9.45
CA ALA B 169 -24.44 11.42 -9.77
C ALA B 169 -24.46 10.99 -11.23
N ASP B 170 -25.40 10.08 -11.53
CA ASP B 170 -25.67 9.73 -12.92
C ASP B 170 -26.36 10.89 -13.62
N MET B 171 -26.31 10.87 -14.95
CA MET B 171 -27.03 11.87 -15.72
C MET B 171 -28.53 11.74 -15.47
N ASN B 172 -29.24 12.86 -15.61
CA ASN B 172 -30.70 12.81 -15.68
C ASN B 172 -31.19 13.80 -16.73
N ASP B 173 -32.47 13.67 -17.08
CA ASP B 173 -33.06 14.49 -18.13
C ASP B 173 -34.03 15.54 -17.60
N ASN B 174 -33.91 15.92 -16.32
CA ASN B 174 -34.82 16.90 -15.75
C ASN B 174 -34.82 18.21 -16.54
N ASP B 175 -33.63 18.69 -16.92
CA ASP B 175 -33.57 19.96 -17.65
C ASP B 175 -34.14 19.82 -19.06
N ASP B 176 -33.90 18.67 -19.70
CA ASP B 176 -34.44 18.44 -21.03
C ASP B 176 -35.96 18.45 -21.02
N ILE B 177 -36.56 17.83 -20.00
CA ILE B 177 -38.02 17.84 -19.89
C ILE B 177 -38.52 19.25 -19.72
N GLY B 178 -37.87 20.03 -18.85
CA GLY B 178 -38.27 21.41 -18.65
C GLY B 178 -38.10 22.26 -19.90
N TYR B 179 -36.98 22.10 -20.59
CA TYR B 179 -36.73 22.90 -21.79
C TYR B 179 -37.70 22.55 -22.91
N GLN B 180 -37.94 21.25 -23.12
CA GLN B 180 -38.85 20.84 -24.19
C GLN B 180 -40.27 21.30 -23.90
N ASN B 181 -40.72 21.17 -22.65
CA ASN B 181 -42.05 21.66 -22.29
C ASN B 181 -42.16 23.16 -22.48
N LEU B 182 -41.12 23.91 -22.10
CA LEU B 182 -41.13 25.35 -22.29
C LEU B 182 -41.09 25.71 -23.77
N ALA B 183 -40.22 25.05 -24.54
CA ALA B 183 -40.18 25.28 -25.98
C ALA B 183 -41.54 25.05 -26.62
N ASN B 184 -42.21 23.96 -26.24
CA ASN B 184 -43.56 23.71 -26.75
C ASN B 184 -44.51 24.85 -26.42
N SER B 185 -44.45 25.35 -25.19
CA SER B 185 -45.39 26.38 -24.78
C SER B 185 -45.14 27.70 -25.51
N LEU B 186 -43.90 27.96 -25.91
CA LEU B 186 -43.51 29.19 -26.58
C LEU B 186 -43.47 29.07 -28.09
N GLY B 187 -43.72 27.88 -28.64
CA GLY B 187 -43.61 27.69 -30.09
C GLY B 187 -42.18 27.87 -30.57
N LYS B 188 -41.25 27.18 -29.93
CA LYS B 188 -39.84 27.30 -30.25
C LYS B 188 -39.23 25.90 -30.33
N LEU B 189 -38.05 25.82 -30.95
CA LEU B 189 -37.34 24.56 -31.13
C LEU B 189 -36.41 24.29 -29.95
N TYR B 190 -36.39 23.05 -29.47
CA TYR B 190 -35.42 22.64 -28.47
C TYR B 190 -34.46 21.62 -29.08
N VAL B 191 -33.16 21.90 -28.98
CA VAL B 191 -32.12 20.97 -29.42
C VAL B 191 -31.43 20.44 -28.18
N ALA B 192 -31.51 19.12 -27.97
CA ALA B 192 -30.88 18.48 -26.81
C ALA B 192 -29.47 17.99 -27.17
N PRO B 193 -28.49 18.15 -26.26
CA PRO B 193 -27.14 17.64 -26.53
C PRO B 193 -26.95 16.21 -26.07
N VAL B 194 -26.13 15.47 -26.82
CA VAL B 194 -25.77 14.10 -26.47
C VAL B 194 -24.26 13.95 -26.57
N SER B 195 -23.63 13.54 -25.47
CA SER B 195 -22.17 13.40 -25.44
C SER B 195 -21.78 12.09 -24.75
N PRO B 196 -20.75 11.39 -25.27
CA PRO B 196 -20.34 10.13 -24.61
C PRO B 196 -19.40 10.29 -23.43
N TRP B 197 -18.75 11.45 -23.24
CA TRP B 197 -17.60 11.46 -22.35
C TRP B 197 -17.22 12.91 -22.08
N PHE B 198 -16.44 13.13 -21.02
CA PHE B 198 -15.81 14.44 -20.89
C PHE B 198 -14.51 14.33 -20.13
N TYR B 199 -13.41 14.76 -20.78
CA TYR B 199 -12.14 14.91 -20.08
C TYR B 199 -11.34 15.98 -20.80
N THR B 200 -10.93 17.02 -20.07
CA THR B 200 -10.08 18.04 -20.66
C THR B 200 -8.93 18.29 -19.70
N HIS B 201 -7.74 18.50 -20.25
CA HIS B 201 -6.53 18.55 -19.42
C HIS B 201 -5.54 19.49 -20.09
N LEU B 202 -5.82 20.80 -19.98
CA LEU B 202 -5.07 21.87 -20.62
C LEU B 202 -4.76 22.96 -19.60
N SER B 203 -3.88 23.90 -19.97
CA SER B 203 -3.47 24.94 -19.04
C SER B 203 -4.61 25.86 -18.63
N TYR B 204 -5.71 25.89 -19.40
CA TYR B 204 -6.83 26.79 -19.12
C TYR B 204 -8.12 26.05 -18.80
N LYS B 205 -8.13 24.72 -18.85
CA LYS B 205 -9.29 23.95 -18.42
C LYS B 205 -8.84 22.53 -18.09
N ASN B 206 -9.25 22.02 -16.93
CA ASN B 206 -8.68 20.77 -16.43
C ASN B 206 -9.72 20.08 -15.53
N TRP B 207 -10.55 19.24 -16.12
CA TRP B 207 -11.46 18.44 -15.31
C TRP B 207 -12.03 17.29 -16.13
N ALA B 208 -12.56 16.30 -15.41
CA ALA B 208 -13.40 15.27 -16.00
C ALA B 208 -14.82 15.39 -15.46
N TYR B 209 -15.78 14.93 -16.25
CA TYR B 209 -17.13 14.64 -15.76
C TYR B 209 -17.31 13.13 -15.70
N LYS B 210 -18.09 12.67 -14.72
CA LYS B 210 -18.42 11.25 -14.65
C LYS B 210 -19.04 10.80 -15.96
N SER B 211 -18.38 9.85 -16.64
CA SER B 211 -18.76 9.49 -17.98
C SER B 211 -19.25 8.05 -17.94
N ASP B 212 -18.38 7.06 -18.13
CA ASP B 212 -18.73 5.65 -17.90
C ASP B 212 -19.90 5.20 -18.78
N TRP B 213 -21.10 4.99 -18.23
CA TRP B 213 -22.25 4.59 -19.03
C TRP B 213 -23.04 5.77 -19.62
N LEU B 214 -22.49 6.98 -19.54
CA LEU B 214 -23.21 8.19 -19.97
C LEU B 214 -23.85 8.05 -21.35
N ILE B 215 -23.13 7.50 -22.32
CA ILE B 215 -23.68 7.49 -23.68
C ILE B 215 -24.96 6.67 -23.76
N ILE B 216 -25.06 5.61 -22.97
CA ILE B 216 -26.27 4.80 -22.96
C ILE B 216 -27.35 5.45 -22.11
N ASP B 217 -26.99 5.94 -20.92
CA ASP B 217 -27.95 6.70 -20.12
C ASP B 217 -28.53 7.85 -20.91
N ARG B 218 -27.68 8.58 -21.65
CA ARG B 218 -28.16 9.77 -22.34
C ARG B 218 -29.06 9.41 -23.49
N TRP B 219 -28.70 8.38 -24.28
CA TRP B 219 -29.55 8.02 -25.40
C TRP B 219 -30.87 7.43 -24.93
N ASN B 220 -30.88 6.72 -23.80
CA ASN B 220 -32.15 6.28 -23.22
C ASN B 220 -33.02 7.46 -22.83
N GLU B 221 -32.41 8.50 -22.24
CA GLU B 221 -33.14 9.71 -21.93
C GLU B 221 -33.72 10.34 -23.19
N MET B 222 -32.96 10.35 -24.29
CA MET B 222 -33.46 10.96 -25.52
C MET B 222 -34.65 10.21 -26.07
N LEU B 223 -34.62 8.87 -26.02
CA LEU B 223 -35.77 8.12 -26.53
C LEU B 223 -37.01 8.42 -25.70
N SER B 224 -36.84 8.75 -24.42
CA SER B 224 -37.98 9.03 -23.56
C SER B 224 -38.48 10.46 -23.75
N VAL B 225 -37.55 11.42 -23.74
CA VAL B 225 -37.89 12.83 -23.86
C VAL B 225 -38.45 13.14 -25.24
N GLN B 226 -37.89 12.51 -26.27
CA GLN B 226 -38.20 12.81 -27.66
C GLN B 226 -38.05 14.31 -27.97
N PRO B 227 -36.86 14.86 -27.80
CA PRO B 227 -36.65 16.28 -28.10
C PRO B 227 -36.83 16.53 -29.59
N ASP B 228 -37.09 17.81 -29.92
CA ASP B 228 -37.29 18.20 -31.33
C ASP B 228 -36.11 17.81 -32.20
N MET B 229 -34.90 17.99 -31.68
CA MET B 229 -33.69 17.85 -32.47
C MET B 229 -32.58 17.48 -31.51
N ILE B 230 -31.54 16.81 -32.01
CA ILE B 230 -30.42 16.38 -31.19
C ILE B 230 -29.11 16.84 -31.84
N GLU B 231 -28.19 17.34 -31.01
CA GLU B 231 -26.85 17.67 -31.47
C GLU B 231 -25.86 16.85 -30.66
N VAL B 232 -25.06 16.05 -31.35
CA VAL B 232 -24.07 15.19 -30.69
C VAL B 232 -22.81 16.02 -30.43
N LEU B 233 -22.36 16.01 -29.17
CA LEU B 233 -21.16 16.70 -28.74
C LEU B 233 -20.11 15.62 -28.47
N THR B 234 -19.16 15.44 -29.39
CA THR B 234 -18.92 16.22 -30.60
C THR B 234 -18.37 15.31 -31.68
N TRP B 235 -18.28 15.81 -32.92
CA TRP B 235 -17.55 15.06 -33.93
C TRP B 235 -16.05 15.00 -33.61
N ASN B 236 -15.46 16.13 -33.18
CA ASN B 236 -13.99 16.20 -33.20
C ASN B 236 -13.42 17.19 -32.19
N ASP B 237 -14.07 17.38 -31.04
CA ASP B 237 -13.44 18.21 -30.00
C ASP B 237 -12.46 17.31 -29.24
N TYR B 238 -11.29 17.13 -29.84
CA TYR B 238 -10.25 16.29 -29.25
C TYR B 238 -9.88 16.77 -27.85
N GLY B 239 -9.83 18.09 -27.65
CA GLY B 239 -9.39 18.60 -26.36
C GLY B 239 -10.30 18.26 -25.19
N GLU B 240 -11.56 17.89 -25.45
CA GLU B 240 -12.46 17.49 -24.37
C GLU B 240 -12.86 16.02 -24.42
N SER B 241 -12.23 15.23 -25.29
CA SER B 241 -12.29 13.78 -25.32
C SER B 241 -13.65 13.24 -25.76
N HIS B 242 -14.62 14.08 -26.13
CA HIS B 242 -15.91 13.53 -26.53
C HIS B 242 -16.06 13.41 -28.05
N TYR B 243 -14.95 13.48 -28.79
CA TYR B 243 -14.99 13.26 -30.24
C TYR B 243 -15.45 11.83 -30.54
N ILE B 244 -16.28 11.69 -31.57
CA ILE B 244 -16.68 10.39 -32.07
C ILE B 244 -16.28 10.18 -33.53
N GLY B 245 -15.73 11.21 -34.18
CA GLY B 245 -15.18 11.05 -35.51
C GLY B 245 -13.78 10.51 -35.47
N ASN B 246 -13.26 10.19 -36.65
CA ASN B 246 -11.86 9.79 -36.77
C ASN B 246 -10.95 10.92 -36.33
N ILE B 247 -9.81 10.57 -35.74
CA ILE B 247 -8.79 11.55 -35.38
C ILE B 247 -8.09 11.98 -36.67
N GLN B 248 -8.45 13.14 -37.19
CA GLN B 248 -7.71 13.74 -38.31
C GLN B 248 -7.70 15.24 -38.09
N GLY B 249 -6.93 15.94 -38.91
CA GLY B 249 -6.78 17.37 -38.67
C GLY B 249 -5.74 17.68 -37.61
N ALA B 250 -5.96 18.72 -36.81
CA ALA B 250 -4.97 19.16 -35.83
C ALA B 250 -5.50 19.01 -34.41
N LEU B 251 -4.65 18.54 -33.50
CA LEU B 251 -5.01 18.44 -32.09
C LEU B 251 -4.59 19.71 -31.35
N PRO B 252 -5.45 20.24 -30.48
CA PRO B 252 -5.06 21.40 -29.68
C PRO B 252 -3.78 21.11 -28.89
N ALA B 253 -2.94 22.14 -28.78
CA ALA B 253 -1.69 21.99 -28.07
C ALA B 253 -1.96 21.52 -26.65
N GLY B 254 -1.27 20.46 -26.24
CA GLY B 254 -1.44 19.90 -24.92
C GLY B 254 -2.42 18.75 -24.85
N SER B 255 -3.21 18.52 -25.90
CA SER B 255 -4.16 17.41 -25.89
C SER B 255 -3.59 16.12 -26.47
N GLU B 256 -2.46 16.20 -27.19
CA GLU B 256 -2.01 15.04 -27.97
C GLU B 256 -1.69 13.85 -27.08
N GLY B 257 -1.20 14.10 -25.86
CA GLY B 257 -0.84 13.02 -24.97
C GLY B 257 -2.03 12.17 -24.54
N TYR B 258 -3.22 12.77 -24.46
CA TYR B 258 -4.39 11.99 -24.09
C TYR B 258 -5.34 11.71 -25.24
N VAL B 259 -4.98 12.09 -26.47
CA VAL B 259 -5.80 11.82 -27.64
C VAL B 259 -5.15 10.82 -28.58
N ASP B 260 -3.85 10.95 -28.84
CA ASP B 260 -3.18 10.10 -29.80
C ASP B 260 -3.33 8.64 -29.40
N GLY B 261 -3.82 7.82 -30.32
CA GLY B 261 -4.07 6.42 -30.05
C GLY B 261 -5.41 6.09 -29.44
N PHE B 262 -6.24 7.08 -29.13
CA PHE B 262 -7.52 6.82 -28.47
C PHE B 262 -8.64 6.93 -29.49
N ASP B 263 -8.73 5.90 -30.32
CA ASP B 263 -9.75 5.83 -31.37
C ASP B 263 -11.14 5.72 -30.74
N HIS B 264 -12.09 6.55 -31.20
CA HIS B 264 -13.42 6.54 -30.63
C HIS B 264 -14.47 6.05 -31.62
N THR B 265 -14.03 5.39 -32.69
CA THR B 265 -14.95 4.91 -33.73
C THR B 265 -16.10 4.11 -33.14
N ALA B 266 -15.82 3.23 -32.18
CA ALA B 266 -16.87 2.40 -31.60
C ALA B 266 -18.00 3.26 -31.02
N TRP B 267 -17.68 4.45 -30.50
CA TRP B 267 -18.71 5.28 -29.90
C TRP B 267 -19.69 5.83 -30.94
N ARG B 268 -19.22 6.14 -32.15
CA ARG B 268 -20.18 6.58 -33.16
C ARG B 268 -20.98 5.39 -33.69
N TYR B 269 -20.34 4.23 -33.87
CA TYR B 269 -21.05 3.03 -34.34
C TYR B 269 -22.19 2.67 -33.40
N LEU B 270 -21.96 2.74 -32.10
CA LEU B 270 -23.00 2.23 -31.19
C LEU B 270 -24.20 3.14 -31.14
N MET B 271 -24.10 4.38 -31.62
CA MET B 271 -25.24 5.27 -31.55
C MET B 271 -26.28 4.95 -32.62
N SER B 272 -25.88 4.20 -33.65
CA SER B 272 -26.75 4.03 -34.81
C SER B 272 -28.12 3.45 -34.46
N PRO B 273 -28.25 2.41 -33.62
CA PRO B 273 -29.59 1.93 -33.27
C PRO B 273 -30.39 2.93 -32.46
N TYR B 274 -29.74 3.78 -31.66
CA TYR B 274 -30.47 4.78 -30.90
C TYR B 274 -30.93 5.92 -31.80
N ILE B 275 -30.09 6.32 -32.75
CA ILE B 275 -30.48 7.35 -33.70
C ILE B 275 -31.67 6.87 -34.54
N SER B 276 -31.62 5.62 -35.00
CA SER B 276 -32.75 5.06 -35.73
C SER B 276 -34.02 5.07 -34.90
N ALA B 277 -33.93 4.64 -33.64
CA ALA B 277 -35.10 4.62 -32.76
C ALA B 277 -35.62 6.02 -32.50
N TYR B 278 -34.72 6.99 -32.32
CA TYR B 278 -35.14 8.37 -32.15
C TYR B 278 -35.94 8.86 -33.36
N LYS B 279 -35.44 8.59 -34.57
CA LYS B 279 -36.15 9.03 -35.77
C LYS B 279 -37.48 8.31 -35.94
N LEU B 280 -37.57 7.06 -35.49
CA LEU B 280 -38.80 6.28 -35.58
C LEU B 280 -39.72 6.46 -34.38
N GLY B 281 -39.32 7.28 -33.40
CA GLY B 281 -40.16 7.51 -32.24
C GLY B 281 -40.29 6.33 -31.30
N LEU B 282 -39.29 5.46 -31.25
CA LEU B 282 -39.35 4.23 -30.47
C LEU B 282 -38.77 4.44 -29.07
N SER B 283 -39.19 3.58 -28.14
CA SER B 283 -38.75 3.67 -26.76
C SER B 283 -37.49 2.86 -26.47
N GLU B 284 -37.06 2.03 -27.41
CA GLU B 284 -35.88 1.20 -27.26
C GLU B 284 -35.09 1.23 -28.56
N PRO B 285 -33.76 1.05 -28.49
CA PRO B 285 -32.94 1.07 -29.71
C PRO B 285 -33.40 0.04 -30.73
N TYR B 286 -33.27 0.41 -31.99
CA TYR B 286 -33.66 -0.42 -33.11
C TYR B 286 -32.44 -1.23 -33.54
N ILE B 287 -32.34 -2.47 -33.05
CA ILE B 287 -31.16 -3.30 -33.26
C ILE B 287 -31.41 -4.21 -34.46
N ASN B 288 -30.55 -4.12 -35.47
CA ASN B 288 -30.60 -5.03 -36.60
C ASN B 288 -29.24 -5.59 -36.97
N PHE B 289 -28.19 -5.28 -36.21
CA PHE B 289 -26.89 -5.90 -36.36
C PHE B 289 -26.39 -6.29 -34.98
N GLU B 290 -25.72 -7.43 -34.88
CA GLU B 290 -25.16 -7.84 -33.60
C GLU B 290 -23.74 -7.31 -33.48
N SER B 291 -23.35 -6.94 -32.26
CA SER B 291 -22.03 -6.36 -32.09
C SER B 291 -21.71 -6.20 -30.61
N LEU B 292 -20.42 -6.14 -30.32
CA LEU B 292 -19.91 -5.86 -28.99
C LEU B 292 -19.07 -4.60 -29.06
N PHE B 293 -19.29 -3.69 -28.11
CA PHE B 293 -18.47 -2.49 -27.97
C PHE B 293 -17.87 -2.48 -26.58
N TYR B 294 -16.68 -1.91 -26.46
CA TYR B 294 -16.07 -1.80 -25.14
C TYR B 294 -15.36 -0.47 -25.04
N TRP B 295 -15.19 -0.01 -23.79
CA TRP B 295 -14.39 1.17 -23.56
C TRP B 295 -13.91 1.21 -22.12
N TYR B 296 -12.79 1.89 -21.91
CA TYR B 296 -12.20 1.98 -20.59
C TYR B 296 -11.07 2.99 -20.61
N ARG B 297 -10.80 3.59 -19.44
CA ARG B 297 -9.71 4.53 -19.27
C ARG B 297 -8.35 3.82 -19.24
N PRO B 298 -7.27 4.56 -19.51
CA PRO B 298 -5.95 3.92 -19.66
C PRO B 298 -5.21 3.64 -18.37
N THR B 299 -5.67 4.14 -17.24
CA THR B 299 -5.06 3.92 -15.93
C THR B 299 -6.13 3.78 -14.88
N PRO B 300 -5.82 3.18 -13.73
CA PRO B 300 -6.68 3.36 -12.56
C PRO B 300 -6.78 4.83 -12.23
N LYS B 301 -7.93 5.24 -11.70
CA LYS B 301 -8.16 6.67 -11.51
C LYS B 301 -7.20 7.28 -10.50
N SER B 302 -6.68 6.49 -9.56
CA SER B 302 -5.77 7.03 -8.55
C SER B 302 -4.33 7.13 -9.02
N ALA B 303 -4.03 6.73 -10.26
CA ALA B 303 -2.65 6.79 -10.76
C ALA B 303 -2.10 8.21 -10.66
N THR B 304 -0.84 8.33 -10.25
CA THR B 304 -0.17 9.62 -10.17
C THR B 304 0.67 9.81 -11.43
N ALA B 305 0.39 10.88 -12.19
CA ALA B 305 1.15 11.11 -13.41
C ALA B 305 2.60 11.41 -13.07
N THR B 306 3.51 10.89 -13.89
CA THR B 306 4.92 10.98 -13.53
C THR B 306 5.65 12.17 -14.13
N ALA B 307 5.04 12.88 -15.09
CA ALA B 307 5.71 14.02 -15.70
C ALA B 307 4.70 14.99 -16.31
N ASP B 308 3.82 15.54 -15.48
CA ASP B 308 2.71 16.38 -15.94
C ASP B 308 2.88 17.77 -15.37
N SER B 309 2.89 18.78 -16.25
CA SER B 309 2.93 20.15 -15.75
C SER B 309 1.59 20.59 -15.16
N LEU B 310 0.55 19.79 -15.31
CA LEU B 310 -0.79 20.10 -14.84
C LEU B 310 -1.16 19.19 -13.67
N SER B 311 -2.11 19.67 -12.86
CA SER B 311 -2.52 18.97 -11.66
C SER B 311 -3.57 17.92 -11.97
N TYR B 312 -3.85 17.07 -10.96
CA TYR B 312 -4.89 16.06 -11.07
C TYR B 312 -6.21 16.69 -11.46
N PRO B 313 -6.93 16.12 -12.42
CA PRO B 313 -8.18 16.75 -12.88
C PRO B 313 -9.28 16.60 -11.83
N SER B 314 -9.92 17.71 -11.50
CA SER B 314 -11.14 17.67 -10.70
C SER B 314 -12.14 16.72 -11.36
N GLY B 315 -12.82 15.91 -10.55
CA GLY B 315 -13.77 14.95 -11.07
C GLY B 315 -13.19 13.62 -11.49
N GLY B 316 -11.86 13.46 -11.49
CA GLY B 316 -11.28 12.18 -11.89
C GLY B 316 -11.71 11.04 -11.00
N ASP B 317 -11.94 11.31 -9.71
CA ASP B 317 -12.36 10.27 -8.78
C ASP B 317 -13.82 9.86 -8.97
N TYR B 318 -14.60 10.57 -9.80
CA TYR B 318 -16.01 10.19 -9.97
C TYR B 318 -16.17 8.92 -10.79
N MET B 319 -15.25 8.65 -11.71
CA MET B 319 -15.42 7.49 -12.57
C MET B 319 -15.07 6.19 -11.86
N GLU B 320 -15.60 5.09 -12.40
CA GLU B 320 -15.31 3.76 -11.86
C GLU B 320 -14.13 3.11 -12.58
N ASP B 321 -13.30 2.40 -11.82
CA ASP B 321 -12.20 1.61 -12.38
C ASP B 321 -12.77 0.30 -12.95
N GLU B 322 -13.48 0.44 -14.05
CA GLU B 322 -14.17 -0.68 -14.69
C GLU B 322 -13.92 -0.64 -16.19
N ILE B 323 -14.07 -1.82 -16.79
CA ILE B 323 -14.10 -2.01 -18.24
C ILE B 323 -15.56 -2.16 -18.64
N PHE B 324 -16.03 -1.30 -19.56
CA PHE B 324 -17.44 -1.25 -19.96
C PHE B 324 -17.65 -2.05 -21.24
N VAL B 325 -18.66 -2.92 -21.22
CA VAL B 325 -18.90 -3.82 -22.34
C VAL B 325 -20.37 -3.73 -22.71
N LEU B 326 -20.63 -3.26 -23.92
CA LEU B 326 -21.99 -3.10 -24.46
C LEU B 326 -22.19 -4.13 -25.57
N VAL B 327 -23.27 -4.90 -25.49
CA VAL B 327 -23.51 -5.94 -26.49
C VAL B 327 -24.93 -5.77 -27.04
N TYR B 328 -25.03 -5.64 -28.36
CA TYR B 328 -26.30 -5.61 -29.08
C TYR B 328 -26.55 -7.02 -29.61
N LEU B 329 -27.66 -7.63 -29.22
CA LEU B 329 -27.94 -9.01 -29.59
C LEU B 329 -29.34 -9.17 -30.18
N LEU B 330 -29.41 -10.03 -31.20
CA LEU B 330 -30.67 -10.51 -31.74
C LEU B 330 -31.09 -11.86 -31.19
N GLN B 331 -30.13 -12.68 -30.73
CA GLN B 331 -30.39 -13.91 -30.01
C GLN B 331 -29.50 -13.95 -28.78
N SER B 332 -29.82 -14.85 -27.85
CA SER B 332 -29.00 -15.05 -26.66
C SER B 332 -27.58 -15.47 -27.04
N ALA B 333 -26.62 -15.11 -26.18
CA ALA B 333 -25.22 -15.46 -26.38
C ALA B 333 -24.49 -15.30 -25.06
N GLU B 334 -23.38 -16.04 -24.92
CA GLU B 334 -22.54 -15.95 -23.74
C GLU B 334 -21.37 -15.02 -24.01
N VAL B 335 -21.18 -14.05 -23.14
CA VAL B 335 -20.16 -13.01 -23.34
C VAL B 335 -19.13 -13.14 -22.22
N THR B 336 -17.87 -13.36 -22.60
CA THR B 336 -16.79 -13.49 -21.63
C THR B 336 -15.88 -12.27 -21.73
N VAL B 337 -15.70 -11.60 -20.59
CA VAL B 337 -14.86 -10.41 -20.48
C VAL B 337 -13.76 -10.73 -19.47
N THR B 338 -12.50 -10.54 -19.89
CA THR B 338 -11.34 -10.94 -19.12
C THR B 338 -10.31 -9.82 -19.05
N CYS B 339 -9.63 -9.70 -17.91
CA CYS B 339 -8.46 -8.83 -17.82
C CYS B 339 -7.53 -9.40 -16.75
N GLY B 340 -6.41 -9.98 -17.18
CA GLY B 340 -5.45 -10.55 -16.23
C GLY B 340 -6.03 -11.71 -15.48
N SER B 341 -6.10 -11.61 -14.15
CA SER B 341 -6.67 -12.68 -13.34
C SER B 341 -8.18 -12.57 -13.20
N THR B 342 -8.78 -11.53 -13.77
CA THR B 342 -10.20 -11.25 -13.64
C THR B 342 -10.93 -11.77 -14.88
N THR B 343 -11.99 -12.55 -14.67
CA THR B 343 -12.82 -12.97 -15.79
C THR B 343 -14.25 -13.15 -15.30
N GLN B 344 -15.19 -12.84 -16.19
CA GLN B 344 -16.58 -13.16 -15.92
C GLN B 344 -17.24 -13.49 -17.24
N THR B 345 -18.13 -14.47 -17.22
CA THR B 345 -18.95 -14.83 -18.36
C THR B 345 -20.38 -14.41 -18.06
N PHE B 346 -20.98 -13.68 -18.99
CA PHE B 346 -22.28 -13.07 -18.80
C PHE B 346 -23.30 -13.71 -19.74
N SER B 347 -24.55 -13.72 -19.32
CA SER B 347 -25.65 -14.25 -20.12
C SER B 347 -26.25 -13.11 -20.91
N GLY B 348 -25.87 -12.99 -22.18
CA GLY B 348 -26.44 -11.97 -23.03
C GLY B 348 -27.78 -12.40 -23.57
N VAL B 349 -28.71 -11.45 -23.64
CA VAL B 349 -30.08 -11.69 -24.06
C VAL B 349 -30.38 -10.77 -25.24
N PRO B 350 -31.42 -11.08 -26.03
CA PRO B 350 -31.78 -10.17 -27.12
C PRO B 350 -32.01 -8.74 -26.61
N GLY B 351 -31.52 -7.78 -27.39
CA GLY B 351 -31.61 -6.39 -26.99
C GLY B 351 -30.28 -5.81 -26.58
N VAL B 352 -30.31 -4.84 -25.70
CA VAL B 352 -29.10 -4.18 -25.21
C VAL B 352 -28.65 -4.86 -23.94
N ASN B 353 -27.33 -5.09 -23.84
CA ASN B 353 -26.70 -5.72 -22.68
C ASN B 353 -25.55 -4.84 -22.23
N GLN B 354 -25.45 -4.63 -20.92
CA GLN B 354 -24.41 -3.79 -20.33
C GLN B 354 -23.69 -4.57 -19.23
N PHE B 355 -22.41 -4.85 -19.44
CA PHE B 355 -21.62 -5.61 -18.48
C PHE B 355 -20.35 -4.83 -18.14
N THR B 356 -19.83 -5.05 -16.94
CA THR B 356 -18.53 -4.51 -16.55
C THR B 356 -17.73 -5.56 -15.80
N ILE B 357 -16.41 -5.43 -15.86
CA ILE B 357 -15.50 -6.09 -14.91
C ILE B 357 -14.56 -5.03 -14.36
N PRO B 358 -14.00 -5.27 -13.17
CA PRO B 358 -13.01 -4.34 -12.63
C PRO B 358 -11.72 -4.36 -13.45
N MET B 359 -11.05 -3.21 -13.48
CA MET B 359 -9.77 -3.11 -14.17
C MET B 359 -8.72 -3.98 -13.51
N GLU B 360 -7.79 -4.48 -14.33
CA GLU B 360 -6.45 -4.83 -13.91
C GLU B 360 -5.48 -4.13 -14.85
N THR B 361 -4.23 -4.04 -14.45
CA THR B 361 -3.21 -3.39 -15.27
C THR B 361 -2.26 -4.40 -15.87
N ASN B 362 -1.62 -4.00 -16.96
CA ASN B 362 -0.56 -4.78 -17.63
C ASN B 362 -1.07 -6.09 -18.25
N ALA B 363 -2.35 -6.12 -18.63
CA ALA B 363 -2.93 -7.27 -19.32
C ALA B 363 -3.97 -6.75 -20.31
N SER B 364 -3.86 -7.18 -21.55
CA SER B 364 -4.85 -6.77 -22.55
C SER B 364 -6.23 -7.34 -22.16
N PRO B 365 -7.24 -6.49 -21.98
CA PRO B 365 -8.61 -7.03 -21.85
C PRO B 365 -8.97 -7.82 -23.09
N SER B 366 -9.74 -8.89 -22.87
CA SER B 366 -10.22 -9.73 -23.97
C SER B 366 -11.73 -9.87 -23.84
N PHE B 367 -12.36 -10.04 -25.01
CA PHE B 367 -13.80 -10.02 -25.17
C PHE B 367 -14.16 -11.13 -26.13
N THR B 368 -15.10 -11.98 -25.73
CA THR B 368 -15.49 -13.15 -26.51
C THR B 368 -17.00 -13.29 -26.47
N VAL B 369 -17.59 -13.58 -27.62
CA VAL B 369 -19.02 -13.83 -27.75
C VAL B 369 -19.18 -15.23 -28.31
N ALA B 370 -19.92 -16.08 -27.59
CA ALA B 370 -20.10 -17.47 -27.97
C ALA B 370 -21.59 -17.78 -28.02
N ARG B 371 -21.95 -18.66 -28.95
CA ARG B 371 -23.33 -19.07 -29.14
C ARG B 371 -23.34 -20.55 -29.47
N GLN B 372 -23.91 -21.36 -28.58
CA GLN B 372 -24.02 -22.82 -28.74
C GLN B 372 -22.65 -23.44 -29.01
N GLY B 373 -21.71 -23.17 -28.10
CA GLY B 373 -20.38 -23.75 -28.14
C GLY B 373 -19.42 -23.11 -29.12
N GLY B 374 -19.90 -22.38 -30.12
CA GLY B 374 -19.04 -21.78 -31.12
C GLY B 374 -18.80 -20.31 -30.84
N THR B 375 -17.59 -19.85 -31.14
CA THR B 375 -17.18 -18.47 -30.90
C THR B 375 -17.59 -17.60 -32.08
N LEU B 376 -18.42 -16.59 -31.82
CA LEU B 376 -18.86 -15.66 -32.85
C LEU B 376 -17.86 -14.53 -33.09
N ALA B 377 -17.25 -14.02 -32.02
CA ALA B 377 -16.37 -12.87 -32.14
C ALA B 377 -15.39 -12.92 -30.97
N SER B 378 -14.21 -12.34 -31.19
CA SER B 378 -13.15 -12.37 -30.18
C SER B 378 -12.21 -11.21 -30.45
N GLY B 379 -11.74 -10.56 -29.39
CA GLY B 379 -10.85 -9.44 -29.57
C GLY B 379 -10.18 -9.07 -28.27
N THR B 380 -9.11 -8.27 -28.40
CA THR B 380 -8.37 -7.79 -27.24
C THR B 380 -8.10 -6.30 -27.42
N GLY B 381 -7.95 -5.61 -26.29
CA GLY B 381 -7.65 -4.19 -26.32
C GLY B 381 -6.33 -3.86 -25.67
N PRO B 382 -5.96 -2.58 -25.72
CA PRO B 382 -4.67 -2.17 -25.12
C PRO B 382 -4.64 -2.37 -23.62
N GLU B 383 -3.43 -2.62 -23.10
CA GLU B 383 -3.25 -2.75 -21.66
C GLU B 383 -3.56 -1.44 -20.94
N ILE B 384 -4.20 -1.55 -19.79
CA ILE B 384 -4.28 -0.48 -18.81
C ILE B 384 -2.95 -0.45 -18.06
N VAL B 385 -2.44 0.75 -17.76
CA VAL B 385 -1.12 0.84 -17.14
C VAL B 385 -1.22 1.50 -15.77
N ASP B 386 -0.19 1.23 -14.94
CA ASP B 386 -0.17 1.74 -13.58
C ASP B 386 0.02 3.26 -13.54
N SER B 387 0.72 3.83 -14.52
CA SER B 387 0.89 5.28 -14.57
C SER B 387 1.24 5.68 -15.98
N LEU B 388 0.99 6.96 -16.28
CA LEU B 388 1.38 7.63 -17.51
C LEU B 388 2.12 8.92 -17.16
N SER B 389 2.83 9.48 -18.15
CA SER B 389 3.47 10.77 -17.92
C SER B 389 2.46 11.84 -17.58
N ILE B 390 1.27 11.79 -18.16
CA ILE B 390 0.25 12.79 -17.87
C ILE B 390 -1.00 12.10 -17.36
N TYR B 391 -1.80 12.85 -16.62
CA TYR B 391 -3.12 12.37 -16.24
C TYR B 391 -3.94 12.19 -17.50
N ASN B 392 -4.61 11.05 -17.62
CA ASN B 392 -5.35 10.73 -18.84
C ASN B 392 -6.62 10.00 -18.43
N PHE B 393 -7.76 10.69 -18.55
CA PHE B 393 -9.06 10.10 -18.28
C PHE B 393 -9.92 10.00 -19.53
N ASN B 394 -9.31 10.10 -20.72
CA ASN B 394 -9.95 9.70 -21.96
C ASN B 394 -10.20 8.19 -21.93
N ALA B 395 -10.96 7.68 -22.90
CA ALA B 395 -11.21 6.25 -22.99
C ALA B 395 -10.72 5.68 -24.32
N TYR B 396 -10.11 4.51 -24.24
CA TYR B 396 -9.99 3.59 -25.37
C TYR B 396 -11.36 3.01 -25.70
N THR B 397 -11.60 2.74 -26.98
CA THR B 397 -12.84 2.08 -27.40
C THR B 397 -12.53 1.01 -28.43
N GLY B 398 -13.44 0.04 -28.56
CA GLY B 398 -13.27 -0.95 -29.60
C GLY B 398 -14.61 -1.57 -29.94
N VAL B 399 -14.66 -2.28 -31.05
CA VAL B 399 -15.90 -2.89 -31.50
C VAL B 399 -15.62 -4.24 -32.15
N LEU B 400 -16.53 -5.18 -31.93
CA LEU B 400 -16.53 -6.47 -32.61
C LEU B 400 -17.89 -6.66 -33.26
N TYR B 401 -17.90 -6.87 -34.57
CA TYR B 401 -19.13 -7.16 -35.29
C TYR B 401 -19.24 -8.66 -35.56
N PHE B 402 -20.46 -9.19 -35.45
CA PHE B 402 -20.68 -10.61 -35.73
C PHE B 402 -22.11 -10.87 -36.17
N MET C 1 14.39 -2.83 16.58
CA MET C 1 14.78 -3.15 17.95
C MET C 1 14.94 -1.88 18.77
N VAL C 2 14.63 -1.96 20.07
CA VAL C 2 14.88 -0.88 21.03
C VAL C 2 15.76 -1.44 22.13
N VAL C 3 16.96 -0.88 22.29
CA VAL C 3 17.85 -1.29 23.36
C VAL C 3 18.08 -0.09 24.27
N ALA C 4 18.64 -0.36 25.44
CA ALA C 4 18.98 0.69 26.39
C ALA C 4 20.49 0.69 26.66
N HIS C 5 21.07 1.89 26.67
CA HIS C 5 22.48 2.06 26.99
C HIS C 5 22.70 1.85 28.49
N PHE C 6 23.59 0.92 28.84
CA PHE C 6 23.79 0.47 30.21
C PHE C 6 25.21 0.75 30.67
N ILE C 7 25.35 1.42 31.81
CA ILE C 7 26.66 1.82 32.34
C ILE C 7 27.19 0.69 33.23
N VAL C 8 28.06 -0.16 32.66
CA VAL C 8 28.65 -1.25 33.45
C VAL C 8 29.51 -0.68 34.57
N GLY C 9 30.02 0.54 34.41
CA GLY C 9 30.83 1.16 35.45
C GLY C 9 30.11 1.37 36.77
N ASN C 10 28.79 1.25 36.79
CA ASN C 10 28.02 1.42 38.03
C ASN C 10 27.66 0.09 38.69
N THR C 11 28.23 -1.03 38.23
CA THR C 11 27.81 -2.35 38.70
C THR C 11 28.83 -3.04 39.61
N TYR C 12 29.73 -2.30 40.25
CA TYR C 12 30.67 -2.99 41.14
C TYR C 12 29.96 -3.84 42.20
N PRO C 13 28.88 -3.39 42.84
CA PRO C 13 28.21 -4.27 43.81
C PRO C 13 27.21 -5.25 43.21
N TYR C 14 27.04 -5.30 41.89
CA TYR C 14 26.02 -6.18 41.29
C TYR C 14 26.33 -7.65 41.52
N THR C 15 25.29 -8.41 41.87
CA THR C 15 25.24 -9.86 41.68
C THR C 15 24.30 -10.18 40.51
N VAL C 16 24.22 -11.47 40.16
CA VAL C 16 23.33 -11.86 39.05
C VAL C 16 21.90 -11.39 39.29
N SER C 17 21.47 -11.38 40.55
CA SER C 17 20.09 -11.01 40.84
C SER C 17 19.84 -9.54 40.50
N ASN C 18 20.84 -8.68 40.68
CA ASN C 18 20.68 -7.28 40.27
C ASN C 18 20.46 -7.17 38.77
N TRP C 19 21.27 -7.89 37.99
CA TRP C 19 21.09 -7.90 36.54
C TRP C 19 19.72 -8.45 36.16
N GLU C 20 19.26 -9.50 36.85
CA GLU C 20 17.97 -10.08 36.51
C GLU C 20 16.85 -9.07 36.68
N GLU C 21 16.94 -8.25 37.73
CA GLU C 21 15.91 -7.25 37.97
C GLU C 21 15.91 -6.19 36.86
N ASP C 22 17.09 -5.71 36.47
CA ASP C 22 17.18 -4.73 35.37
C ASP C 22 16.62 -5.31 34.08
N ILE C 23 16.99 -6.56 33.77
CA ILE C 23 16.53 -7.17 32.52
C ILE C 23 15.02 -7.36 32.55
N GLN C 24 14.47 -7.85 33.67
CA GLN C 24 13.02 -7.97 33.81
C GLN C 24 12.35 -6.61 33.64
N ASP C 25 12.89 -5.58 34.30
CA ASP C 25 12.30 -4.25 34.21
C ASP C 25 12.36 -3.72 32.79
N ALA C 26 13.44 -3.98 32.07
CA ALA C 26 13.53 -3.55 30.68
C ALA C 26 12.50 -4.27 29.81
N ILE C 27 12.43 -5.59 29.91
CA ILE C 27 11.47 -6.35 29.09
C ILE C 27 10.05 -5.85 29.36
N ALA C 28 9.75 -5.49 30.60
CA ALA C 28 8.38 -5.17 30.95
C ALA C 28 7.86 -3.92 30.24
N VAL C 29 8.76 -3.05 29.78
CA VAL C 29 8.34 -1.85 29.04
C VAL C 29 8.61 -1.98 27.55
N GLY C 30 9.08 -3.14 27.09
CA GLY C 30 9.29 -3.38 25.67
C GLY C 30 10.69 -3.20 25.16
N ILE C 31 11.66 -2.96 26.06
CA ILE C 31 13.06 -2.85 25.65
C ILE C 31 13.61 -4.26 25.39
N ASP C 32 14.31 -4.40 24.26
CA ASP C 32 14.72 -5.69 23.72
C ASP C 32 16.12 -6.11 24.15
N GLY C 33 16.91 -5.21 24.70
CA GLY C 33 18.27 -5.58 25.06
C GLY C 33 19.01 -4.41 25.68
N PHE C 34 20.25 -4.69 26.07
CA PHE C 34 21.15 -3.68 26.65
C PHE C 34 22.40 -3.56 25.81
N ALA C 35 22.81 -2.31 25.56
CA ALA C 35 24.16 -2.00 25.14
C ALA C 35 25.01 -1.90 26.38
N LEU C 36 25.88 -2.88 26.62
CA LEU C 36 26.68 -2.92 27.84
C LEU C 36 27.91 -2.03 27.63
N ASN C 37 27.82 -0.79 28.10
CA ASN C 37 28.89 0.18 27.90
C ASN C 37 29.94 -0.01 29.00
N MET C 38 31.13 -0.43 28.61
CA MET C 38 32.12 -0.87 29.58
C MET C 38 33.37 0.01 29.52
N GLY C 39 33.98 0.17 30.68
CA GLY C 39 35.28 0.81 30.84
C GLY C 39 36.39 -0.23 30.90
N SER C 40 37.48 0.13 31.56
CA SER C 40 38.70 -0.69 31.52
C SER C 40 38.89 -1.57 32.74
N ASP C 41 38.25 -1.27 33.87
CA ASP C 41 38.41 -2.06 35.09
C ASP C 41 38.18 -3.55 34.84
N ALA C 42 39.08 -4.37 35.39
CA ALA C 42 38.98 -5.81 35.15
C ALA C 42 37.69 -6.38 35.73
N TRP C 43 37.21 -5.84 36.84
CA TRP C 43 36.00 -6.38 37.46
C TRP C 43 34.77 -6.21 36.57
N GLN C 44 34.81 -5.26 35.62
CA GLN C 44 33.66 -5.07 34.74
C GLN C 44 33.44 -6.27 33.84
N VAL C 45 34.53 -6.91 33.39
CA VAL C 45 34.37 -8.10 32.57
C VAL C 45 33.65 -9.19 33.35
N GLU C 46 33.91 -9.29 34.65
CA GLU C 46 33.25 -10.32 35.45
C GLU C 46 31.78 -9.98 35.71
N ARG C 47 31.44 -8.70 35.87
CA ARG C 47 30.04 -8.33 35.96
C ARG C 47 29.31 -8.63 34.65
N ILE C 48 29.98 -8.44 33.51
CA ILE C 48 29.33 -8.67 32.23
C ILE C 48 29.07 -10.16 32.03
N GLU C 49 29.97 -11.03 32.51
CA GLU C 49 29.67 -12.45 32.55
C GLU C 49 28.33 -12.71 33.26
N ASP C 50 28.14 -12.06 34.41
CA ASP C 50 26.88 -12.20 35.14
C ASP C 50 25.71 -11.67 34.34
N ALA C 51 25.93 -10.58 33.59
CA ALA C 51 24.85 -10.00 32.79
C ALA C 51 24.32 -11.00 31.77
N TYR C 52 25.23 -11.68 31.07
CA TYR C 52 24.79 -12.65 30.06
C TYR C 52 24.08 -13.83 30.72
N ASP C 53 24.60 -14.31 31.85
CA ASP C 53 23.92 -15.40 32.56
C ASP C 53 22.54 -14.98 33.02
N ALA C 54 22.41 -13.76 33.55
CA ALA C 54 21.11 -13.27 33.96
C ALA C 54 20.14 -13.19 32.79
N ALA C 55 20.64 -12.70 31.63
CA ALA C 55 19.80 -12.66 30.44
C ALA C 55 19.38 -14.06 30.02
N ALA C 56 20.29 -15.03 30.12
CA ALA C 56 19.92 -16.41 29.77
C ALA C 56 18.84 -16.93 30.70
N SER C 57 18.88 -16.56 31.97
CA SER C 57 17.88 -17.04 32.92
C SER C 57 16.54 -16.34 32.75
N VAL C 58 16.51 -15.10 32.27
CA VAL C 58 15.27 -14.34 32.21
C VAL C 58 14.55 -14.56 30.88
N SER C 59 15.26 -14.50 29.77
CA SER C 59 14.61 -14.56 28.46
C SER C 59 15.63 -14.87 27.38
N SER C 60 15.39 -15.93 26.62
CA SER C 60 16.24 -16.24 25.47
C SER C 60 16.18 -15.18 24.39
N ASP C 61 15.19 -14.28 24.43
CA ASP C 61 15.06 -13.25 23.41
C ASP C 61 15.77 -11.94 23.75
N PHE C 62 16.14 -11.72 25.03
CA PHE C 62 16.77 -10.47 25.40
C PHE C 62 18.20 -10.42 24.88
N LYS C 63 18.58 -9.31 24.26
CA LYS C 63 19.84 -9.20 23.54
C LYS C 63 20.86 -8.40 24.33
N LEU C 64 22.12 -8.82 24.26
CA LEU C 64 23.22 -8.07 24.85
C LEU C 64 24.33 -7.91 23.82
N PHE C 65 25.03 -6.78 23.89
CA PHE C 65 26.25 -6.59 23.12
C PHE C 65 27.12 -5.60 23.87
N ILE C 66 28.38 -5.55 23.48
CA ILE C 66 29.37 -4.71 24.16
C ILE C 66 29.41 -3.34 23.48
N SER C 67 29.37 -2.28 24.29
CA SER C 67 29.69 -0.94 23.83
C SER C 67 31.03 -0.57 24.46
N PHE C 68 32.07 -0.46 23.65
CA PHE C 68 33.39 -0.08 24.19
C PHE C 68 33.44 1.42 24.41
N ASP C 69 33.58 1.84 25.66
CA ASP C 69 33.62 3.28 25.97
C ASP C 69 35.06 3.74 25.77
N MET C 70 35.33 4.26 24.57
CA MET C 70 36.67 4.70 24.23
C MET C 70 37.02 6.05 24.82
N SER C 71 36.10 6.68 25.56
CA SER C 71 36.48 7.80 26.40
C SER C 71 37.16 7.34 27.69
N ILE C 72 37.07 6.04 27.97
CA ILE C 72 37.67 5.42 29.15
C ILE C 72 38.78 4.45 28.76
N ILE C 73 38.49 3.57 27.82
CA ILE C 73 39.43 2.55 27.36
C ILE C 73 40.44 3.20 26.42
N SER C 74 41.70 2.78 26.53
CA SER C 74 42.71 3.17 25.56
C SER C 74 42.59 2.33 24.29
N ALA C 75 43.28 2.76 23.24
CA ALA C 75 43.25 2.04 21.98
C ALA C 75 44.03 0.73 22.08
N ASP C 76 43.48 -0.20 22.85
CA ASP C 76 44.10 -1.49 23.12
C ASP C 76 43.39 -2.54 22.29
N ALA C 77 43.95 -2.87 21.13
CA ALA C 77 43.28 -3.77 20.19
C ALA C 77 43.13 -5.18 20.75
N ASP C 78 44.14 -5.65 21.49
CA ASP C 78 44.05 -6.99 22.07
C ASP C 78 42.95 -7.06 23.11
N PHE C 79 42.77 -6.01 23.90
CA PHE C 79 41.72 -6.01 24.91
C PHE C 79 40.35 -6.04 24.25
N ILE C 80 40.15 -5.19 23.25
CA ILE C 80 38.85 -5.15 22.56
C ILE C 80 38.56 -6.49 21.90
N GLU C 81 39.51 -6.98 21.11
CA GLU C 81 39.33 -8.28 20.46
C GLU C 81 39.01 -9.37 21.48
N GLY C 82 39.72 -9.38 22.60
CA GLY C 82 39.49 -10.41 23.60
C GLY C 82 38.11 -10.33 24.23
N VAL C 83 37.61 -9.11 24.45
CA VAL C 83 36.29 -8.95 25.05
C VAL C 83 35.20 -9.41 24.09
N VAL C 84 35.31 -9.02 22.82
CA VAL C 84 34.33 -9.46 21.83
C VAL C 84 34.25 -10.98 21.81
N ARG C 85 35.41 -11.66 21.73
CA ARG C 85 35.41 -13.12 21.63
C ARG C 85 34.89 -13.76 22.90
N ARG C 86 35.21 -13.19 24.06
CA ARG C 86 34.73 -13.76 25.32
C ARG C 86 33.20 -13.87 25.36
N PHE C 87 32.49 -12.95 24.74
CA PHE C 87 31.04 -12.95 24.87
C PHE C 87 30.32 -13.30 23.57
N ALA C 88 31.04 -13.43 22.45
CA ALA C 88 30.40 -13.62 21.15
C ALA C 88 29.61 -14.93 21.07
N ASP C 89 30.03 -15.96 21.79
CA ASP C 89 29.32 -17.23 21.71
C ASP C 89 28.27 -17.40 22.80
N LYS C 90 28.05 -16.39 23.63
CA LYS C 90 26.99 -16.48 24.63
C LYS C 90 25.64 -16.50 23.93
N PRO C 91 24.66 -17.24 24.48
CA PRO C 91 23.38 -17.37 23.78
C PRO C 91 22.61 -16.05 23.61
N ASN C 92 22.81 -15.06 24.47
CA ASN C 92 22.06 -13.81 24.36
C ASN C 92 22.83 -12.72 23.61
N GLN C 93 24.01 -13.04 23.08
CA GLN C 93 24.74 -12.09 22.25
C GLN C 93 23.94 -11.68 21.03
N LEU C 94 23.89 -10.38 20.75
CA LEU C 94 23.19 -9.88 19.57
C LEU C 94 24.07 -10.09 18.33
N TYR C 95 23.47 -10.71 17.31
CA TYR C 95 24.06 -10.82 15.99
C TYR C 95 23.26 -10.00 15.00
N TYR C 96 23.94 -9.52 13.97
CA TYR C 96 23.31 -8.78 12.89
C TYR C 96 23.96 -9.21 11.59
N ASP C 97 23.17 -9.63 10.60
CA ASP C 97 23.72 -10.03 9.31
C ASP C 97 24.69 -11.21 9.46
N GLY C 98 24.46 -12.03 10.49
CA GLY C 98 25.36 -13.12 10.83
C GLY C 98 26.65 -12.72 11.52
N LYS C 99 26.76 -11.48 11.96
CA LYS C 99 27.99 -10.95 12.53
C LYS C 99 27.77 -10.47 13.95
N VAL C 100 28.84 -10.47 14.76
CA VAL C 100 28.74 -10.04 16.14
C VAL C 100 28.51 -8.53 16.18
N PHE C 101 27.42 -8.11 16.82
CA PHE C 101 27.11 -6.69 16.94
C PHE C 101 28.05 -6.08 17.97
N VAL C 102 28.78 -5.04 17.57
CA VAL C 102 29.76 -4.36 18.42
C VAL C 102 29.57 -2.86 18.27
N SER C 103 29.53 -2.13 19.39
CA SER C 103 29.29 -0.71 19.37
C SER C 103 30.35 0.00 20.22
N THR C 104 30.29 1.33 20.26
CA THR C 104 31.22 2.12 21.06
C THR C 104 30.51 3.35 21.60
N PHE C 105 31.14 4.00 22.57
CA PHE C 105 31.03 5.42 22.74
C PHE C 105 32.39 6.02 22.36
N ALA C 106 32.41 6.85 21.33
CA ALA C 106 33.61 7.53 20.87
C ALA C 106 34.58 6.55 20.21
N GLY C 107 35.86 6.94 20.14
CA GLY C 107 36.85 6.17 19.43
C GLY C 107 37.18 6.68 18.04
N GLU C 108 36.55 7.78 17.61
CA GLU C 108 36.72 8.27 16.24
C GLU C 108 38.09 8.87 15.99
N THR C 109 38.89 9.12 17.03
CA THR C 109 40.25 9.58 16.84
C THR C 109 41.29 8.50 17.11
N ASP C 110 40.86 7.29 17.45
CA ASP C 110 41.79 6.19 17.70
C ASP C 110 42.13 5.49 16.38
N THR C 111 43.42 5.38 16.08
CA THR C 111 43.86 4.74 14.85
C THR C 111 44.77 3.54 15.10
N PHE C 112 45.07 3.22 16.36
CA PHE C 112 45.83 2.03 16.72
C PHE C 112 47.20 1.99 16.02
N GLY C 113 47.76 3.16 15.75
CA GLY C 113 49.05 3.26 15.11
C GLY C 113 49.00 3.36 13.60
N TYR C 114 47.84 3.28 12.99
CA TYR C 114 47.70 3.30 11.55
C TYR C 114 47.38 4.73 11.07
N SER C 115 47.24 4.87 9.75
CA SER C 115 47.20 6.19 9.14
C SER C 115 45.90 6.94 9.39
N ASP C 116 44.79 6.21 9.59
CA ASP C 116 43.49 6.85 9.76
C ASP C 116 42.58 5.94 10.57
N VAL C 117 41.40 6.45 10.91
CA VAL C 117 40.55 5.75 11.87
C VAL C 117 40.01 4.45 11.28
N SER C 118 39.62 4.47 10.00
CA SER C 118 39.07 3.26 9.40
C SER C 118 40.15 2.19 9.21
N THR C 119 41.34 2.58 8.76
CA THR C 119 42.41 1.60 8.63
C THR C 119 42.77 1.01 9.99
N GLY C 120 42.80 1.86 11.02
CA GLY C 120 43.18 1.39 12.34
C GLY C 120 42.18 0.43 12.95
N TRP C 121 40.90 0.82 12.96
CA TRP C 121 39.89 -0.06 13.53
C TRP C 121 39.78 -1.35 12.73
N ASP C 122 39.93 -1.26 11.41
CA ASP C 122 39.81 -2.45 10.57
C ASP C 122 41.00 -3.38 10.75
N SER C 123 42.22 -2.81 10.74
CA SER C 123 43.41 -3.65 10.79
C SER C 123 43.63 -4.24 12.18
N ALA C 124 43.33 -3.47 13.22
CA ALA C 124 43.62 -3.91 14.58
C ALA C 124 42.47 -4.62 15.27
N VAL C 125 41.22 -4.36 14.86
CA VAL C 125 40.08 -4.97 15.55
C VAL C 125 39.27 -5.84 14.60
N LYS C 126 38.77 -5.26 13.51
CA LYS C 126 37.80 -5.96 12.67
C LYS C 126 38.42 -7.17 11.98
N GLU C 127 39.58 -6.99 11.33
CA GLU C 127 40.19 -8.09 10.60
C GLU C 127 40.66 -9.21 11.53
N PRO C 128 41.33 -8.95 12.65
CA PRO C 128 41.67 -10.06 13.56
C PRO C 128 40.45 -10.83 14.05
N LEU C 129 39.32 -10.16 14.24
CA LEU C 129 38.13 -10.86 14.68
C LEU C 129 37.54 -11.69 13.54
N ALA C 130 37.48 -11.11 12.33
CA ALA C 130 37.00 -11.86 11.18
C ALA C 130 37.89 -13.07 10.91
N SER C 131 39.20 -12.89 10.99
CA SER C 131 40.14 -13.98 10.75
C SER C 131 39.88 -15.16 11.68
N ALA C 132 39.54 -14.88 12.93
CA ALA C 132 39.28 -15.92 13.92
C ALA C 132 37.89 -16.52 13.83
N GLY C 133 37.11 -16.14 12.82
CA GLY C 133 35.76 -16.64 12.71
C GLY C 133 34.72 -15.85 13.48
N TYR C 134 35.04 -14.62 13.87
CA TYR C 134 34.11 -13.76 14.59
C TYR C 134 33.99 -12.40 13.91
N PRO C 135 33.56 -12.35 12.64
CA PRO C 135 33.38 -11.05 12.01
C PRO C 135 32.31 -10.26 12.74
N ILE C 136 32.48 -8.94 12.77
CA ILE C 136 31.61 -8.10 13.59
C ILE C 136 30.84 -7.14 12.71
N TYR C 137 29.70 -6.69 13.23
CA TYR C 137 28.88 -5.63 12.63
C TYR C 137 29.15 -4.40 13.49
N PHE C 138 29.96 -3.48 12.98
CA PHE C 138 30.57 -2.43 13.78
C PHE C 138 29.73 -1.15 13.69
N VAL C 139 29.15 -0.75 14.82
CA VAL C 139 28.21 0.36 14.86
C VAL C 139 28.70 1.32 15.94
N PRO C 140 29.78 2.07 15.68
CA PRO C 140 30.31 2.98 16.69
C PRO C 140 29.46 4.22 16.84
N SER C 141 29.62 4.89 17.99
CA SER C 141 29.01 6.21 18.21
C SER C 141 30.10 7.26 18.06
N TRP C 142 30.16 7.86 16.89
CA TRP C 142 31.21 8.78 16.46
C TRP C 142 30.61 10.10 16.00
N THR C 143 29.74 10.68 16.84
CA THR C 143 28.91 11.82 16.41
C THR C 143 29.75 13.06 16.13
N SER C 144 30.95 13.18 16.69
CA SER C 144 31.77 14.35 16.41
C SER C 144 32.16 14.43 14.93
N LEU C 145 32.08 13.32 14.19
CA LEU C 145 32.36 13.35 12.76
C LEU C 145 31.17 13.77 11.92
N GLY C 146 29.99 13.94 12.53
CA GLY C 146 28.82 14.24 11.75
C GLY C 146 28.53 13.13 10.76
N GLN C 147 28.16 13.53 9.55
CA GLN C 147 27.93 12.55 8.48
C GLN C 147 29.20 11.79 8.11
N GLY C 148 30.38 12.30 8.52
CA GLY C 148 31.61 11.56 8.32
C GLY C 148 31.63 10.20 8.99
N ALA C 149 30.84 10.03 10.06
CA ALA C 149 30.81 8.76 10.77
C ALA C 149 30.28 7.64 9.88
N LEU C 150 29.13 7.87 9.25
CA LEU C 150 28.58 6.87 8.33
C LEU C 150 29.46 6.73 7.09
N GLU C 151 30.21 7.76 6.73
CA GLU C 151 31.08 7.69 5.57
C GLU C 151 32.37 6.90 5.82
N GLU C 152 32.73 6.63 7.07
CA GLU C 152 33.92 5.83 7.35
C GLU C 152 33.73 4.40 6.85
N SER C 153 34.72 3.90 6.11
CA SER C 153 34.61 2.56 5.51
C SER C 153 34.45 1.49 6.58
N VAL C 154 35.10 1.66 7.73
CA VAL C 154 35.08 0.61 8.75
C VAL C 154 33.73 0.47 9.42
N ALA C 155 32.88 1.49 9.34
CA ALA C 155 31.62 1.51 10.07
C ALA C 155 30.53 0.82 9.26
N ASP C 156 29.87 -0.15 9.87
CA ASP C 156 28.67 -0.75 9.29
C ASP C 156 27.41 -0.03 9.70
N GLY C 157 27.48 0.78 10.74
CA GLY C 157 26.34 1.56 11.21
C GLY C 157 26.86 2.72 12.04
N PHE C 158 25.92 3.52 12.53
CA PHE C 158 26.27 4.71 13.29
C PHE C 158 25.22 4.91 14.37
N LEU C 159 25.67 5.04 15.61
CA LEU C 159 24.80 5.42 16.73
C LEU C 159 25.05 6.90 17.01
N SER C 160 24.04 7.73 16.80
CA SER C 160 24.19 9.14 17.13
C SER C 160 24.02 9.34 18.64
N TRP C 161 24.77 10.31 19.17
CA TRP C 161 24.61 10.74 20.55
C TRP C 161 23.88 12.08 20.65
N ASN C 162 23.26 12.55 19.56
CA ASN C 162 22.62 13.86 19.54
C ASN C 162 21.16 13.71 19.98
N ALA C 163 20.97 13.56 21.29
CA ALA C 163 19.66 13.23 21.84
C ALA C 163 18.96 14.39 22.54
N TRP C 164 19.65 15.52 22.74
CA TRP C 164 19.12 16.59 23.56
C TRP C 164 19.21 17.92 22.83
N PRO C 165 18.26 18.83 23.09
CA PRO C 165 18.45 20.21 22.66
C PRO C 165 19.68 20.81 23.35
N THR C 166 20.52 21.50 22.58
CA THR C 166 21.67 22.16 23.17
C THR C 166 21.48 23.65 23.33
N THR C 167 20.32 24.19 22.96
CA THR C 167 20.01 25.60 23.14
C THR C 167 18.72 25.68 23.96
N ASP C 168 18.07 26.85 23.95
CA ASP C 168 16.75 26.93 24.57
C ASP C 168 15.65 26.48 23.62
N ALA C 169 15.98 26.05 22.42
CA ALA C 169 14.97 25.60 21.48
C ALA C 169 14.53 24.17 21.80
N ASP C 170 13.34 23.83 21.34
CA ASP C 170 12.88 22.45 21.47
C ASP C 170 13.76 21.52 20.64
N MET C 171 13.68 20.22 20.96
CA MET C 171 14.35 19.22 20.15
C MET C 171 13.79 19.22 18.74
N ASN C 172 14.62 18.83 17.77
CA ASN C 172 14.12 18.50 16.44
C ASN C 172 14.84 17.26 15.92
N ASP C 173 14.29 16.68 14.85
CA ASP C 173 14.84 15.46 14.27
C ASP C 173 15.59 15.71 12.96
N ASN C 174 16.05 16.94 12.74
CA ASN C 174 16.75 17.24 11.49
C ASN C 174 17.95 16.33 11.27
N ASP C 175 18.77 16.13 12.32
CA ASP C 175 19.93 15.27 12.13
C ASP C 175 19.53 13.82 11.92
N ASP C 176 18.48 13.37 12.62
CA ASP C 176 18.03 11.99 12.45
C ASP C 176 17.58 11.72 11.02
N ILE C 177 16.84 12.66 10.43
CA ILE C 177 16.44 12.53 9.03
C ILE C 177 17.68 12.44 8.15
N GLY C 178 18.64 13.35 8.35
CA GLY C 178 19.86 13.33 7.55
C GLY C 178 20.66 12.05 7.70
N TYR C 179 20.81 11.57 8.95
CA TYR C 179 21.57 10.35 9.16
C TYR C 179 20.84 9.14 8.57
N GLN C 180 19.53 9.06 8.75
CA GLN C 180 18.82 7.87 8.24
C GLN C 180 18.82 7.85 6.72
N ASN C 181 18.69 9.02 6.08
CA ASN C 181 18.77 9.07 4.63
C ASN C 181 20.16 8.70 4.14
N LEU C 182 21.20 9.20 4.83
CA LEU C 182 22.57 8.86 4.46
C LEU C 182 22.84 7.38 4.69
N ALA C 183 22.40 6.85 5.83
CA ALA C 183 22.53 5.42 6.08
C ALA C 183 21.85 4.60 4.99
N ASN C 184 20.66 5.04 4.56
CA ASN C 184 19.96 4.31 3.50
C ASN C 184 20.76 4.31 2.20
N SER C 185 21.33 5.46 1.84
CA SER C 185 22.07 5.55 0.59
C SER C 185 23.36 4.75 0.63
N LEU C 186 23.94 4.57 1.82
CA LEU C 186 25.20 3.85 1.96
C LEU C 186 25.01 2.38 2.32
N GLY C 187 23.77 1.92 2.54
CA GLY C 187 23.58 0.56 3.00
C GLY C 187 24.14 0.31 4.38
N LYS C 188 23.81 1.18 5.32
CA LYS C 188 24.32 1.07 6.68
C LYS C 188 23.19 1.26 7.66
N LEU C 189 23.43 0.87 8.91
CA LEU C 189 22.45 0.96 9.98
C LEU C 189 22.55 2.31 10.69
N TYR C 190 21.40 2.94 10.93
CA TYR C 190 21.36 4.12 11.79
C TYR C 190 20.65 3.79 13.10
N VAL C 191 21.29 4.09 14.22
CA VAL C 191 20.69 3.93 15.54
C VAL C 191 20.45 5.31 16.10
N ALA C 192 19.18 5.62 16.38
CA ALA C 192 18.87 6.95 16.93
C ALA C 192 18.76 6.90 18.46
N PRO C 193 19.26 7.92 19.15
CA PRO C 193 19.19 7.96 20.61
C PRO C 193 17.92 8.62 21.10
N VAL C 194 17.42 8.12 22.23
CA VAL C 194 16.22 8.66 22.88
C VAL C 194 16.53 8.81 24.35
N SER C 195 16.39 10.05 24.86
CA SER C 195 16.73 10.33 26.25
C SER C 195 15.66 11.25 26.84
N PRO C 196 15.27 11.03 28.11
CA PRO C 196 14.24 11.89 28.70
C PRO C 196 14.75 13.18 29.34
N TRP C 197 16.05 13.30 29.61
CA TRP C 197 16.51 14.36 30.50
C TRP C 197 18.02 14.53 30.36
N PHE C 198 18.53 15.69 30.80
CA PHE C 198 19.98 15.78 31.02
C PHE C 198 20.30 16.75 32.15
N TYR C 199 20.95 16.24 33.19
CA TYR C 199 21.55 17.10 34.21
C TYR C 199 22.76 16.39 34.79
N THR C 200 23.93 17.02 34.67
CA THR C 200 25.12 16.48 35.32
C THR C 200 25.77 17.59 36.13
N HIS C 201 26.29 17.25 37.32
CA HIS C 201 26.75 18.29 38.27
C HIS C 201 27.91 17.69 39.08
N LEU C 202 29.07 17.56 38.42
CA LEU C 202 30.25 16.93 38.97
C LEU C 202 31.44 17.85 38.78
N SER C 203 32.56 17.50 39.43
CA SER C 203 33.76 18.35 39.36
C SER C 203 34.32 18.47 37.95
N TYR C 204 33.97 17.54 37.05
CA TYR C 204 34.52 17.55 35.70
C TYR C 204 33.47 17.72 34.61
N LYS C 205 32.20 17.84 34.96
CA LYS C 205 31.17 18.14 33.98
C LYS C 205 29.95 18.70 34.71
N ASN C 206 29.42 19.82 34.22
CA ASN C 206 28.44 20.57 35.02
C ASN C 206 27.53 21.37 34.07
N TRP C 207 26.43 20.75 33.65
CA TRP C 207 25.47 21.47 32.81
C TRP C 207 24.14 20.74 32.76
N ALA C 208 23.12 21.48 32.34
CA ALA C 208 21.83 20.90 32.02
C ALA C 208 21.54 21.15 30.54
N TYR C 209 20.78 20.26 29.93
CA TYR C 209 20.13 20.54 28.66
C TYR C 209 18.64 20.74 28.89
N LYS C 210 18.01 21.57 28.06
CA LYS C 210 16.57 21.75 28.16
C LYS C 210 15.87 20.41 27.99
N SER C 211 15.09 20.01 29.00
CA SER C 211 14.57 18.65 29.02
C SER C 211 13.05 18.73 28.93
N ASP C 212 12.37 18.83 30.08
CA ASP C 212 10.95 19.19 30.09
C ASP C 212 10.09 18.19 29.31
N TRP C 213 9.51 18.60 28.17
CA TRP C 213 8.73 17.65 27.37
C TRP C 213 9.58 16.78 26.43
N LEU C 214 10.91 16.79 26.57
CA LEU C 214 11.79 16.11 25.63
C LEU C 214 11.38 14.66 25.36
N ILE C 215 11.04 13.89 26.40
CA ILE C 215 10.77 12.47 26.17
C ILE C 215 9.60 12.29 25.21
N ILE C 216 8.59 13.15 25.30
CA ILE C 216 7.46 13.04 24.39
C ILE C 216 7.81 13.60 23.01
N ASP C 217 8.45 14.77 22.96
CA ASP C 217 8.90 15.30 21.68
C ASP C 217 9.77 14.30 20.95
N ARG C 218 10.68 13.63 21.67
CA ARG C 218 11.61 12.72 21.02
C ARG C 218 10.90 11.46 20.53
N TRP C 219 10.02 10.88 21.34
CA TRP C 219 9.33 9.67 20.86
C TRP C 219 8.42 10.00 19.68
N ASN C 220 7.80 11.19 19.70
CA ASN C 220 7.03 11.63 18.53
C ASN C 220 7.91 11.68 17.28
N GLU C 221 9.12 12.23 17.44
CA GLU C 221 10.08 12.27 16.33
C GLU C 221 10.43 10.86 15.85
N MET C 222 10.60 9.91 16.79
CA MET C 222 10.94 8.55 16.38
C MET C 222 9.81 7.90 15.60
N LEU C 223 8.56 8.13 16.00
CA LEU C 223 7.44 7.54 15.27
C LEU C 223 7.35 8.09 13.85
N SER C 224 7.78 9.33 13.65
CA SER C 224 7.80 9.94 12.31
C SER C 224 9.02 9.49 11.51
N VAL C 225 10.21 9.56 12.10
CA VAL C 225 11.44 9.23 11.40
C VAL C 225 11.49 7.74 11.08
N GLN C 226 11.03 6.90 11.99
CA GLN C 226 11.14 5.45 11.89
C GLN C 226 12.59 4.99 11.66
N PRO C 227 13.50 5.33 12.59
CA PRO C 227 14.90 4.91 12.42
C PRO C 227 15.02 3.40 12.47
N ASP C 228 16.12 2.89 11.90
CA ASP C 228 16.36 1.45 11.86
C ASP C 228 16.30 0.83 13.25
N MET C 229 16.87 1.51 14.24
CA MET C 229 17.06 0.98 15.57
C MET C 229 17.08 2.16 16.54
N ILE C 230 16.73 1.91 17.80
CA ILE C 230 16.71 2.96 18.82
C ILE C 230 17.53 2.49 20.02
N GLU C 231 18.35 3.39 20.56
CA GLU C 231 19.04 3.13 21.82
C GLU C 231 18.60 4.19 22.82
N VAL C 232 18.04 3.74 23.95
CA VAL C 232 17.58 4.65 24.98
C VAL C 232 18.75 5.03 25.88
N LEU C 233 18.97 6.33 26.05
CA LEU C 233 20.01 6.88 26.93
C LEU C 233 19.31 7.45 28.16
N THR C 234 19.32 6.72 29.27
CA THR C 234 20.10 5.51 29.52
C THR C 234 19.33 4.65 30.49
N TRP C 235 19.77 3.41 30.69
CA TRP C 235 19.20 2.65 31.79
C TRP C 235 19.63 3.22 33.14
N ASN C 236 20.92 3.58 33.29
CA ASN C 236 21.43 3.81 34.64
C ASN C 236 22.60 4.80 34.70
N ASP C 237 22.65 5.79 33.81
CA ASP C 237 23.69 6.82 33.97
C ASP C 237 23.19 7.82 35.00
N TYR C 238 23.36 7.44 36.28
CA TYR C 238 22.89 8.27 37.37
C TYR C 238 23.53 9.66 37.33
N GLY C 239 24.81 9.71 36.94
CA GLY C 239 25.53 10.98 36.96
C GLY C 239 24.98 12.02 36.00
N GLU C 240 24.22 11.60 34.99
CA GLU C 240 23.69 12.54 34.01
C GLU C 240 22.18 12.63 34.05
N SER C 241 21.55 11.99 35.04
CA SER C 241 20.13 12.13 35.37
C SER C 241 19.17 11.54 34.34
N HIS C 242 19.63 10.89 33.27
CA HIS C 242 18.70 10.34 32.28
C HIS C 242 18.47 8.84 32.47
N TYR C 243 18.82 8.31 33.64
CA TYR C 243 18.51 6.92 33.97
C TYR C 243 17.01 6.71 34.01
N ILE C 244 16.57 5.55 33.53
CA ILE C 244 15.16 5.16 33.64
C ILE C 244 14.99 3.82 34.35
N GLY C 245 16.07 3.10 34.62
CA GLY C 245 16.00 1.91 35.46
C GLY C 245 15.95 2.28 36.93
N ASN C 246 15.79 1.25 37.76
CA ASN C 246 15.82 1.47 39.20
C ASN C 246 17.20 1.91 39.65
N ILE C 247 17.23 2.71 40.71
CA ILE C 247 18.51 3.13 41.30
C ILE C 247 19.03 1.95 42.12
N GLN C 248 19.98 1.21 41.56
CA GLN C 248 20.68 0.17 42.30
C GLN C 248 22.14 0.19 41.83
N GLY C 249 23.00 -0.57 42.51
CA GLY C 249 24.42 -0.47 42.18
C GLY C 249 25.07 0.74 42.86
N ALA C 250 26.03 1.34 42.16
CA ALA C 250 26.86 2.38 42.74
C ALA C 250 26.64 3.70 42.01
N LEU C 251 26.41 4.77 42.78
CA LEU C 251 26.30 6.12 42.25
C LEU C 251 27.68 6.75 42.12
N PRO C 252 27.97 7.40 41.00
CA PRO C 252 29.25 8.11 40.85
C PRO C 252 29.43 9.15 41.94
N ALA C 253 30.67 9.27 42.42
CA ALA C 253 30.97 10.20 43.50
C ALA C 253 30.53 11.61 43.12
N GLY C 254 29.78 12.23 44.01
CA GLY C 254 29.27 13.57 43.79
C GLY C 254 27.88 13.63 43.21
N SER C 255 27.34 12.50 42.73
CA SER C 255 26.02 12.49 42.12
C SER C 255 24.92 12.16 43.11
N GLU C 256 25.26 11.67 44.29
CA GLU C 256 24.22 11.09 45.14
C GLU C 256 23.27 12.17 45.65
N GLY C 257 23.76 13.40 45.78
CA GLY C 257 22.92 14.48 46.25
C GLY C 257 21.78 14.81 45.30
N TYR C 258 21.96 14.60 44.00
CA TYR C 258 20.87 14.86 43.08
C TYR C 258 20.22 13.61 42.50
N VAL C 259 20.64 12.41 42.94
CA VAL C 259 20.06 11.17 42.47
C VAL C 259 19.25 10.48 43.55
N ASP C 260 19.77 10.42 44.77
CA ASP C 260 19.09 9.72 45.84
C ASP C 260 17.70 10.29 46.06
N GLY C 261 16.70 9.41 46.05
CA GLY C 261 15.33 9.85 46.20
C GLY C 261 14.66 10.31 44.92
N PHE C 262 15.35 10.27 43.78
CA PHE C 262 14.78 10.71 42.50
C PHE C 262 14.50 9.50 41.62
N ASP C 263 13.44 8.78 41.97
CA ASP C 263 12.99 7.61 41.21
C ASP C 263 12.50 8.01 39.83
N HIS C 264 12.98 7.31 38.79
CA HIS C 264 12.60 7.61 37.41
C HIS C 264 11.78 6.49 36.79
N THR C 265 11.24 5.60 37.61
CA THR C 265 10.47 4.46 37.11
C THR C 265 9.35 4.90 36.17
N ALA C 266 8.67 6.01 36.51
CA ALA C 266 7.57 6.48 35.68
C ALA C 266 8.02 6.74 34.25
N TRP C 267 9.25 7.22 34.05
CA TRP C 267 9.73 7.49 32.69
C TRP C 267 9.89 6.22 31.86
N ARG C 268 10.30 5.10 32.47
CA ARG C 268 10.36 3.91 31.63
C ARG C 268 8.96 3.39 31.33
N TYR C 269 8.04 3.49 32.30
CA TYR C 269 6.67 3.04 32.07
C TYR C 269 6.00 3.82 30.93
N LEU C 270 6.18 5.14 30.90
CA LEU C 270 5.46 5.92 29.89
C LEU C 270 5.96 5.65 28.48
N MET C 271 7.18 5.11 28.33
CA MET C 271 7.69 4.84 27.00
C MET C 271 7.04 3.64 26.36
N SER C 272 6.42 2.76 27.15
CA SER C 272 5.92 1.50 26.61
C SER C 272 4.96 1.67 25.44
N PRO C 273 3.98 2.59 25.45
CA PRO C 273 3.12 2.75 24.26
C PRO C 273 3.87 3.27 23.05
N TYR C 274 4.89 4.10 23.26
CA TYR C 274 5.67 4.61 22.15
C TYR C 274 6.57 3.53 21.57
N ILE C 275 7.15 2.70 22.44
CA ILE C 275 7.98 1.58 21.98
C ILE C 275 7.13 0.63 21.14
N SER C 276 5.94 0.28 21.65
CA SER C 276 5.02 -0.58 20.89
C SER C 276 4.68 0.03 19.54
N ALA C 277 4.37 1.33 19.51
CA ALA C 277 4.04 1.97 18.24
C ALA C 277 5.21 1.96 17.28
N TYR C 278 6.43 2.17 17.80
CA TYR C 278 7.61 2.13 16.94
C TYR C 278 7.79 0.76 16.31
N LYS C 279 7.61 -0.31 17.09
CA LYS C 279 7.74 -1.66 16.56
C LYS C 279 6.63 -1.99 15.55
N LEU C 280 5.46 -1.40 15.71
CA LEU C 280 4.35 -1.64 14.81
C LEU C 280 4.28 -0.65 13.66
N GLY C 281 5.22 0.29 13.59
CA GLY C 281 5.24 1.26 12.51
C GLY C 281 4.10 2.25 12.56
N LEU C 282 3.56 2.51 13.74
CA LEU C 282 2.41 3.40 13.89
C LEU C 282 2.85 4.85 14.03
N SER C 283 1.95 5.75 13.67
CA SER C 283 2.23 7.18 13.76
C SER C 283 1.85 7.77 15.11
N GLU C 284 1.14 7.03 15.96
CA GLU C 284 0.70 7.50 17.26
C GLU C 284 0.92 6.39 18.27
N PRO C 285 1.14 6.74 19.54
CA PRO C 285 1.37 5.71 20.56
C PRO C 285 0.19 4.77 20.71
N TYR C 286 0.51 3.55 21.11
CA TYR C 286 -0.44 2.44 21.20
C TYR C 286 -0.92 2.34 22.64
N ILE C 287 -2.07 2.93 22.94
CA ILE C 287 -2.54 3.12 24.32
C ILE C 287 -3.59 2.07 24.63
N ASN C 288 -3.25 1.12 25.50
CA ASN C 288 -4.20 0.11 25.94
C ASN C 288 -4.38 0.10 27.46
N PHE C 289 -3.78 1.07 28.16
CA PHE C 289 -3.94 1.21 29.60
C PHE C 289 -4.03 2.69 29.93
N GLU C 290 -4.81 3.03 30.96
CA GLU C 290 -4.96 4.42 31.37
C GLU C 290 -4.01 4.73 32.52
N SER C 291 -3.46 5.95 32.51
CA SER C 291 -2.49 6.30 33.54
C SER C 291 -2.15 7.77 33.44
N LEU C 292 -1.67 8.32 34.57
CA LEU C 292 -1.16 9.67 34.64
C LEU C 292 0.30 9.60 35.08
N PHE C 293 1.16 10.33 34.39
CA PHE C 293 2.56 10.46 34.75
C PHE C 293 2.86 11.93 35.02
N TYR C 294 3.79 12.19 35.94
CA TYR C 294 4.16 13.55 36.21
C TYR C 294 5.65 13.62 36.49
N TRP C 295 6.24 14.79 36.21
CA TRP C 295 7.64 15.00 36.58
C TRP C 295 7.90 16.50 36.71
N TYR C 296 8.89 16.84 37.53
CA TYR C 296 9.21 18.23 37.81
C TYR C 296 10.50 18.28 38.57
N ARG C 297 11.23 19.40 38.41
CA ARG C 297 12.45 19.63 39.16
C ARG C 297 12.14 20.01 40.61
N PRO C 298 13.14 19.90 41.50
CA PRO C 298 12.89 20.11 42.94
C PRO C 298 12.93 21.56 43.40
N THR C 299 13.40 22.49 42.58
CA THR C 299 13.51 23.90 42.94
C THR C 299 13.20 24.75 41.71
N PRO C 300 12.90 26.03 41.91
CA PRO C 300 12.96 26.97 40.78
C PRO C 300 14.35 26.95 40.18
N LYS C 301 14.41 27.18 38.87
CA LYS C 301 15.71 27.15 38.20
C LYS C 301 16.64 28.22 38.72
N SER C 302 16.10 29.34 39.20
CA SER C 302 16.93 30.44 39.69
C SER C 302 17.46 30.22 41.11
N ALA C 303 17.08 29.12 41.77
CA ALA C 303 17.49 28.90 43.15
C ALA C 303 19.00 28.96 43.31
N THR C 304 19.45 29.55 44.42
CA THR C 304 20.87 29.59 44.77
C THR C 304 21.17 28.51 45.80
N ALA C 305 22.00 27.55 45.41
CA ALA C 305 22.35 26.45 46.30
C ALA C 305 23.08 26.97 47.54
N THR C 306 22.78 26.37 48.70
CA THR C 306 23.28 26.92 49.96
C THR C 306 24.60 26.30 50.44
N ALA C 307 25.02 25.18 49.87
CA ALA C 307 26.24 24.52 50.36
C ALA C 307 26.82 23.62 49.27
N ASP C 308 27.15 24.20 48.13
CA ASP C 308 27.62 23.45 46.96
C ASP C 308 29.05 23.84 46.64
N SER C 309 29.93 22.85 46.54
CA SER C 309 31.29 23.13 46.10
C SER C 309 31.39 23.40 44.61
N LEU C 310 30.30 23.23 43.85
CA LEU C 310 30.24 23.44 42.41
C LEU C 310 29.36 24.65 42.10
N SER C 311 29.59 25.21 40.92
CA SER C 311 28.92 26.42 40.46
C SER C 311 27.56 26.09 39.82
N TYR C 312 26.80 27.16 39.56
CA TYR C 312 25.53 27.01 38.86
C TYR C 312 25.74 26.34 37.51
N PRO C 313 24.89 25.37 37.13
CA PRO C 313 25.11 24.63 35.88
C PRO C 313 24.77 25.45 34.65
N SER C 314 25.67 25.43 33.66
CA SER C 314 25.35 25.99 32.35
C SER C 314 24.08 25.33 31.82
N GLY C 315 23.19 26.13 31.23
CA GLY C 315 21.94 25.63 30.70
C GLY C 315 20.80 25.54 31.69
N GLY C 316 21.05 25.79 32.97
CA GLY C 316 19.98 25.70 33.95
C GLY C 316 18.81 26.61 33.65
N ASP C 317 19.08 27.78 33.07
CA ASP C 317 18.01 28.72 32.77
C ASP C 317 17.14 28.30 31.58
N TYR C 318 17.51 27.23 30.87
CA TYR C 318 16.74 26.81 29.70
C TYR C 318 15.45 26.11 30.07
N MET C 319 15.38 25.46 31.22
CA MET C 319 14.17 24.74 31.55
C MET C 319 13.09 25.69 32.04
N GLU C 320 11.86 25.21 31.99
CA GLU C 320 10.71 25.96 32.48
C GLU C 320 10.38 25.55 33.91
N ASP C 321 9.99 26.52 34.73
CA ASP C 321 9.56 26.25 36.10
C ASP C 321 8.11 25.74 36.08
N GLU C 322 7.94 24.54 35.56
CA GLU C 322 6.62 23.96 35.39
C GLU C 322 6.59 22.54 35.91
N ILE C 323 5.38 22.06 36.16
CA ILE C 323 5.10 20.68 36.53
C ILE C 323 4.47 20.01 35.31
N PHE C 324 5.05 18.91 34.86
CA PHE C 324 4.64 18.24 33.62
C PHE C 324 3.73 17.07 33.92
N VAL C 325 2.57 17.04 33.27
CA VAL C 325 1.54 16.03 33.55
C VAL C 325 1.14 15.40 32.23
N LEU C 326 1.37 14.09 32.12
CA LEU C 326 1.09 13.31 30.91
C LEU C 326 -0.01 12.31 31.26
N VAL C 327 -1.10 12.32 30.48
CA VAL C 327 -2.21 11.43 30.79
C VAL C 327 -2.53 10.60 29.56
N TYR C 328 -2.55 9.29 29.73
CA TYR C 328 -2.97 8.34 28.70
C TYR C 328 -4.40 7.95 29.01
N LEU C 329 -5.34 8.26 28.11
CA LEU C 329 -6.74 8.01 28.38
C LEU C 329 -7.38 7.18 27.27
N LEU C 330 -8.29 6.30 27.66
CA LEU C 330 -9.18 5.64 26.71
C LEU C 330 -10.54 6.33 26.61
N GLN C 331 -11.01 6.92 27.70
CA GLN C 331 -12.20 7.76 27.69
C GLN C 331 -11.86 9.12 28.29
N SER C 332 -12.75 10.08 28.09
CA SER C 332 -12.56 11.40 28.66
C SER C 332 -12.54 11.35 30.18
N ALA C 333 -11.84 12.31 30.79
CA ALA C 333 -11.74 12.40 32.24
C ALA C 333 -11.28 13.80 32.62
N GLU C 334 -11.62 14.21 33.85
CA GLU C 334 -11.17 15.49 34.38
C GLU C 334 -9.87 15.28 35.14
N VAL C 335 -8.88 16.13 34.86
CA VAL C 335 -7.56 16.01 35.48
C VAL C 335 -7.30 17.31 36.24
N THR C 336 -7.15 17.21 37.56
CA THR C 336 -6.89 18.38 38.39
C THR C 336 -5.47 18.30 38.92
N VAL C 337 -4.69 19.35 38.68
CA VAL C 337 -3.31 19.48 39.10
C VAL C 337 -3.21 20.68 40.01
N THR C 338 -2.61 20.50 41.18
CA THR C 338 -2.44 21.59 42.12
C THR C 338 -1.01 21.64 42.61
N CYS C 339 -0.57 22.86 42.93
CA CYS C 339 0.71 23.04 43.60
C CYS C 339 0.61 24.36 44.35
N GLY C 340 0.50 24.28 45.67
CA GLY C 340 0.31 25.50 46.44
C GLY C 340 -0.97 26.20 46.04
N SER C 341 -0.87 27.51 45.74
CA SER C 341 -2.02 28.33 45.37
C SER C 341 -2.52 28.12 43.95
N THR C 342 -1.84 27.31 43.14
CA THR C 342 -2.31 27.02 41.78
C THR C 342 -3.11 25.72 41.75
N THR C 343 -4.34 25.79 41.24
CA THR C 343 -5.15 24.59 40.98
C THR C 343 -5.81 24.76 39.63
N GLN C 344 -5.53 23.86 38.71
CA GLN C 344 -6.13 23.90 37.38
C GLN C 344 -6.73 22.54 37.07
N THR C 345 -7.92 22.56 36.49
CA THR C 345 -8.56 21.34 36.03
C THR C 345 -8.54 21.35 34.51
N PHE C 346 -8.11 20.23 33.93
CA PHE C 346 -8.00 20.08 32.49
C PHE C 346 -8.99 19.03 32.01
N SER C 347 -9.49 19.20 30.79
CA SER C 347 -10.34 18.19 30.17
C SER C 347 -9.45 17.23 29.41
N GLY C 348 -9.29 16.02 29.95
CA GLY C 348 -8.57 14.98 29.24
C GLY C 348 -9.46 14.30 28.21
N VAL C 349 -8.88 13.97 27.07
CA VAL C 349 -9.59 13.32 25.98
C VAL C 349 -8.90 11.99 25.66
N PRO C 350 -9.52 11.08 24.90
CA PRO C 350 -8.83 9.82 24.58
C PRO C 350 -7.52 10.09 23.85
N GLY C 351 -6.53 9.26 24.14
CA GLY C 351 -5.21 9.44 23.57
C GLY C 351 -4.24 10.11 24.54
N VAL C 352 -3.24 10.81 24.01
CA VAL C 352 -2.21 11.45 24.81
C VAL C 352 -2.69 12.83 25.22
N ASN C 353 -2.45 13.20 26.48
CA ASN C 353 -2.77 14.51 27.01
C ASN C 353 -1.52 15.07 27.66
N GLN C 354 -1.24 16.35 27.40
CA GLN C 354 -0.07 17.03 27.97
C GLN C 354 -0.53 18.32 28.62
N PHE C 355 -0.41 18.40 29.95
CA PHE C 355 -0.78 19.59 30.70
C PHE C 355 0.40 20.05 31.55
N THR C 356 0.47 21.36 31.81
CA THR C 356 1.42 21.90 32.78
C THR C 356 0.72 22.89 33.70
N ILE C 357 1.26 23.04 34.91
CA ILE C 357 0.99 24.22 35.73
C ILE C 357 2.34 24.75 36.21
N PRO C 358 2.40 26.03 36.57
CA PRO C 358 3.67 26.57 37.08
C PRO C 358 3.97 26.02 38.46
N MET C 359 5.26 25.91 38.76
CA MET C 359 5.58 25.42 40.08
C MET C 359 5.42 26.51 41.11
N GLU C 360 5.25 26.08 42.36
CA GLU C 360 5.22 26.95 43.52
C GLU C 360 6.05 26.29 44.59
N THR C 361 6.85 27.06 45.30
CA THR C 361 7.72 26.44 46.29
C THR C 361 6.99 26.24 47.60
N ASN C 362 7.63 25.45 48.48
CA ASN C 362 7.06 25.07 49.76
C ASN C 362 5.66 24.48 49.55
N ALA C 363 5.55 23.62 48.55
CA ALA C 363 4.29 23.00 48.17
C ALA C 363 4.59 21.65 47.56
N SER C 364 3.67 20.71 47.75
CA SER C 364 3.75 19.40 47.12
C SER C 364 2.69 19.31 46.04
N PRO C 365 3.06 19.09 44.79
CA PRO C 365 2.06 18.95 43.72
C PRO C 365 1.14 17.77 43.99
N SER C 366 -0.14 17.93 43.63
CA SER C 366 -1.07 16.81 43.71
C SER C 366 -1.83 16.68 42.41
N PHE C 367 -2.24 15.45 42.12
CA PHE C 367 -2.77 15.06 40.82
C PHE C 367 -4.00 14.22 41.06
N THR C 368 -5.10 14.55 40.39
CA THR C 368 -6.36 13.84 40.59
C THR C 368 -7.00 13.60 39.24
N VAL C 369 -7.46 12.39 39.01
CA VAL C 369 -8.20 12.04 37.80
C VAL C 369 -9.61 11.63 38.21
N ALA C 370 -10.60 12.28 37.60
CA ALA C 370 -12.00 12.08 37.94
C ALA C 370 -12.81 11.82 36.68
N ARG C 371 -13.83 10.99 36.83
CA ARG C 371 -14.77 10.70 35.73
C ARG C 371 -16.16 10.61 36.31
N GLN C 372 -17.12 11.29 35.67
CA GLN C 372 -18.51 11.29 36.13
C GLN C 372 -18.59 11.68 37.60
N GLY C 373 -17.80 12.68 37.98
CA GLY C 373 -17.77 13.19 39.33
C GLY C 373 -16.87 12.45 40.30
N GLY C 374 -16.68 11.15 40.11
CA GLY C 374 -15.94 10.34 41.07
C GLY C 374 -14.45 10.26 40.78
N THR C 375 -13.66 10.23 41.84
CA THR C 375 -12.20 10.15 41.71
C THR C 375 -11.78 8.76 41.26
N LEU C 376 -10.99 8.69 40.18
CA LEU C 376 -10.37 7.43 39.77
C LEU C 376 -9.01 7.21 40.37
N ALA C 377 -8.24 8.28 40.57
CA ALA C 377 -6.88 8.15 41.09
C ALA C 377 -6.43 9.51 41.61
N SER C 378 -5.57 9.48 42.60
CA SER C 378 -5.07 10.75 43.14
C SER C 378 -3.78 10.46 43.90
N GLY C 379 -2.89 11.44 43.92
CA GLY C 379 -1.65 11.28 44.64
C GLY C 379 -0.94 12.60 44.80
N THR C 380 0.01 12.61 45.74
CA THR C 380 0.84 13.78 46.01
C THR C 380 2.29 13.41 45.72
N GLY C 381 3.00 14.29 45.02
CA GLY C 381 4.41 14.09 44.76
C GLY C 381 5.28 14.72 45.83
N PRO C 382 6.59 14.53 45.72
CA PRO C 382 7.52 15.18 46.66
C PRO C 382 7.43 16.69 46.57
N GLU C 383 7.75 17.37 47.68
CA GLU C 383 7.60 18.82 47.71
C GLU C 383 8.68 19.52 46.88
N ILE C 384 8.34 20.71 46.40
CA ILE C 384 9.27 21.63 45.76
C ILE C 384 9.68 22.66 46.80
N VAL C 385 10.97 23.00 46.84
CA VAL C 385 11.51 23.90 47.86
C VAL C 385 12.21 25.09 47.20
N ASP C 386 12.54 26.09 48.04
CA ASP C 386 13.16 27.33 47.55
C ASP C 386 14.60 27.09 47.12
N SER C 387 15.32 26.22 47.83
CA SER C 387 16.73 25.98 47.59
C SER C 387 17.09 24.64 48.22
N LEU C 388 18.18 24.06 47.73
CA LEU C 388 18.78 22.87 48.30
C LEU C 388 20.26 23.15 48.58
N SER C 389 20.91 22.24 49.33
CA SER C 389 22.35 22.41 49.55
C SER C 389 23.12 22.41 48.24
N ILE C 390 22.68 21.64 47.25
CA ILE C 390 23.37 21.62 45.97
C ILE C 390 22.38 22.04 44.89
N TYR C 391 22.92 22.52 43.77
CA TYR C 391 22.13 22.72 42.57
C TYR C 391 21.60 21.38 42.08
N ASN C 392 20.30 21.31 41.85
CA ASN C 392 19.69 20.03 41.47
C ASN C 392 18.64 20.30 40.39
N PHE C 393 18.96 19.89 39.16
CA PHE C 393 18.05 19.99 38.02
C PHE C 393 17.62 18.63 37.51
N ASN C 394 17.83 17.59 38.30
CA ASN C 394 17.18 16.30 38.05
C ASN C 394 15.68 16.47 38.26
N ALA C 395 14.89 15.50 37.79
CA ALA C 395 13.45 15.53 37.97
C ALA C 395 12.99 14.40 38.89
N TYR C 396 12.07 14.74 39.80
CA TYR C 396 11.16 13.77 40.41
C TYR C 396 10.17 13.26 39.36
N THR C 397 9.73 12.00 39.50
CA THR C 397 8.72 11.43 38.61
C THR C 397 7.73 10.58 39.41
N GLY C 398 6.53 10.43 38.88
CA GLY C 398 5.56 9.56 39.53
C GLY C 398 4.53 9.09 38.53
N VAL C 399 3.75 8.08 38.93
CA VAL C 399 2.72 7.52 38.05
C VAL C 399 1.50 7.16 38.90
N LEU C 400 0.32 7.42 38.34
CA LEU C 400 -0.95 6.92 38.86
C LEU C 400 -1.58 6.05 37.79
N TYR C 401 -1.93 4.82 38.16
CA TYR C 401 -2.62 3.89 37.27
C TYR C 401 -4.09 3.82 37.66
N PHE C 402 -4.96 3.71 36.66
CA PHE C 402 -6.39 3.61 36.90
C PHE C 402 -7.09 2.98 35.69
#